data_6N9A
#
_entry.id   6N9A
#
_cell.length_a   124.053
_cell.length_b   124.053
_cell.length_c   119.035
_cell.angle_alpha   90.00
_cell.angle_beta   90.00
_cell.angle_gamma   120.00
#
_symmetry.space_group_name_H-M   'P 31 2 1'
#
loop_
_entity.id
_entity.type
_entity.pdbx_description
1 polymer 'tRNA threonylcarbamoyladenosine biosynthesis protein TsaB'
2 polymer 'tRNA N6-adenosine threonylcarbamoyltransferase'
3 polymer 'tRNA threonylcarbamoyladenosine biosynthesis protein TsaE'
4 non-polymer 'TRIETHYLENE GLYCOL'
5 non-polymer 2-(2-ETHOXYETHOXY)ETHANOL
6 non-polymer "5'-O-[(R)-(carboxyoxy)(hydroxy)phosphoryl]adenosine"
7 non-polymer 'ZINC ION'
8 non-polymer "ADENOSINE-5'-DIPHOSPHATE"
9 non-polymer "ADENOSINE-5'-TRIPHOSPHATE"
10 non-polymer 'MAGNESIUM ION'
11 water water
#
loop_
_entity_poly.entity_id
_entity_poly.type
_entity_poly.pdbx_seq_one_letter_code
_entity_poly.pdbx_strand_id
1 'polypeptide(L)'
;GSHMASNVLALDTSQRIRIGLRKGEDLFEISYTGEKKHAEILPVVVKKLLDELDLKVKDLDVVGVGIGPGGLTGLRVGIA
TVVGLVSPYDIPVAPLNSFEMTAKSCPADGVVLVARRARKGYHYCAVYLKDKGLNPLKEPSVVSDEELEEITKEFSPKIV
LKDDLLISPAVLVEESERLFREKKTIHYYEIEPLYLQKSIAELNWEKKKRG
;
B
2 'polypeptide(L)'
;EGRMRVLGIETSCDETAVAVLDDGKNVVVNFTVSQIEVHQKFGGVVPEVAARHHLKNLPILLKKAFEKVPPETVDVVAAT
YGPGLIGALLVGLSAAKGLAISLEKPFVGVNHVEAHVQAVFLANPDLKPPLVVLMVSGGHTQLMKVDEDYSMEVLGETLD
DSAGEAFDKVARLLGLGYPGGPVIDRVAKKGDPEKYSFPRPMLDDDSYNFSFAGLKTSVLYFLQREKGYKVEDVAASFQK
AVVDILVEKTFRLARNLGIRKIAFVGGVAANSMLREEVRKRAERWNYEVFFPPLELCTDNALMVAKAGYEKAKRGMFSPL
SLNADPNLNV
;
D
3 'polypeptide(L)'
;ASRHLRFENLTEEQLKRLAKILTENLKGGEVVILSGNLGAGKTTFVKGMIRAIGLDEKMVKSPTFTLMNVYPGLKTIYHL
DLYRLQDTDFLSLDVEDILEDEDGIMVVEWGDLFDGFWPEDSIKVKIEIADESHRNVEILIPEEVNFLVEKIERYRKELQ
NT
;
E
#
# COMPACT_ATOMS: atom_id res chain seq x y z
N GLY A 1 23.27 30.73 -16.87
CA GLY A 1 22.70 30.63 -18.25
C GLY A 1 22.99 29.28 -18.88
N SER A 2 22.87 29.23 -20.22
CA SER A 2 23.05 28.00 -21.00
C SER A 2 24.54 27.66 -21.11
N HIS A 3 24.91 26.51 -20.52
CA HIS A 3 26.24 25.95 -20.66
C HIS A 3 26.15 24.43 -20.76
N MET A 4 27.27 23.78 -21.10
CA MET A 4 27.37 22.33 -21.21
C MET A 4 27.61 21.72 -19.82
N ALA A 5 27.09 20.51 -19.63
CA ALA A 5 27.08 19.85 -18.32
C ALA A 5 28.50 19.62 -17.81
N SER A 6 28.69 19.82 -16.50
CA SER A 6 29.94 19.54 -15.79
C SER A 6 29.68 18.49 -14.70
N ASN A 7 28.51 18.58 -14.07
CA ASN A 7 28.14 17.79 -12.89
C ASN A 7 26.89 16.97 -13.20
N VAL A 8 27.03 15.65 -13.25
CA VAL A 8 25.98 14.75 -13.74
C VAL A 8 25.80 13.56 -12.78
N LEU A 9 24.59 13.46 -12.21
CA LEU A 9 24.18 12.32 -11.40
C LEU A 9 23.18 11.47 -12.19
N ALA A 10 23.42 10.16 -12.24
CA ALA A 10 22.50 9.21 -12.86
C ALA A 10 22.49 7.90 -12.07
N LEU A 11 21.29 7.36 -11.82
CA LEU A 11 21.18 6.06 -11.19
C LEU A 11 20.10 5.21 -11.88
N ASP A 12 20.17 3.90 -11.65
CA ASP A 12 19.17 2.95 -12.13
C ASP A 12 18.94 1.91 -11.03
N THR A 13 17.67 1.79 -10.61
CA THR A 13 17.27 0.95 -9.49
C THR A 13 16.39 -0.20 -9.99
N SER A 14 16.45 -0.47 -11.29
CA SER A 14 15.53 -1.38 -11.97
C SER A 14 15.82 -2.83 -11.58
N GLN A 15 17.01 -3.08 -11.05
CA GLN A 15 17.40 -4.39 -10.56
C GLN A 15 18.34 -4.18 -9.36
N ARG A 16 19.64 -4.14 -9.64
CA ARG A 16 20.64 -3.73 -8.66
C ARG A 16 20.75 -2.20 -8.70
N ILE A 17 21.22 -1.62 -7.59
CA ILE A 17 21.44 -0.18 -7.49
C ILE A 17 22.70 0.19 -8.26
N ARG A 18 22.57 1.15 -9.18
CA ARG A 18 23.66 1.62 -10.02
C ARG A 18 23.68 3.15 -10.00
N ILE A 19 24.78 3.73 -9.50
CA ILE A 19 24.92 5.17 -9.32
C ILE A 19 26.18 5.63 -10.05
N GLY A 20 26.02 6.63 -10.92
CA GLY A 20 27.14 7.30 -11.58
C GLY A 20 27.14 8.79 -11.29
N LEU A 21 28.33 9.34 -11.00
CA LEU A 21 28.48 10.75 -10.70
C LEU A 21 29.75 11.29 -11.36
N ARG A 22 29.56 12.13 -12.39
CA ARG A 22 30.65 12.88 -13.01
C ARG A 22 30.71 14.28 -12.38
N LYS A 23 31.93 14.71 -12.05
CA LYS A 23 32.20 16.09 -11.63
C LYS A 23 33.49 16.55 -12.30
N GLY A 24 33.32 17.34 -13.37
CA GLY A 24 34.43 17.76 -14.22
C GLY A 24 35.07 16.56 -14.89
N GLU A 25 36.35 16.35 -14.59
CA GLU A 25 37.15 15.32 -15.24
C GLU A 25 37.00 14.00 -14.47
N ASP A 26 36.32 14.03 -13.32
CA ASP A 26 36.19 12.88 -12.41
C ASP A 26 34.83 12.19 -12.59
N LEU A 27 34.86 10.90 -12.92
CA LEU A 27 33.67 10.03 -12.96
C LEU A 27 33.80 8.93 -11.90
N PHE A 28 32.81 8.85 -11.01
CA PHE A 28 32.72 7.77 -10.03
C PHE A 28 31.52 6.89 -10.34
N GLU A 29 31.74 5.57 -10.31
CA GLU A 29 30.69 4.57 -10.44
C GLU A 29 30.56 3.82 -9.10
N ILE A 30 29.31 3.61 -8.66
CA ILE A 30 29.04 2.82 -7.47
C ILE A 30 27.87 1.87 -7.76
N SER A 31 28.02 0.62 -7.32
CA SER A 31 26.95 -0.37 -7.37
C SER A 31 26.81 -1.04 -5.99
N TYR A 32 25.60 -1.46 -5.65
CA TYR A 32 25.36 -2.26 -4.46
C TYR A 32 24.54 -3.50 -4.81
N THR A 33 24.90 -4.61 -4.14
CA THR A 33 24.30 -5.93 -4.34
C THR A 33 24.26 -6.67 -3.00
N GLY A 34 23.05 -7.01 -2.53
CA GLY A 34 22.90 -7.72 -1.25
C GLY A 34 21.47 -7.75 -0.75
N GLU A 35 21.34 -8.09 0.54
CA GLU A 35 20.05 -8.39 1.17
C GLU A 35 19.27 -7.10 1.44
N LYS A 36 20.00 -6.00 1.61
CA LYS A 36 19.39 -4.72 1.97
C LYS A 36 18.51 -4.24 0.81
N LYS A 37 17.39 -3.60 1.18
CA LYS A 37 16.42 -3.08 0.22
C LYS A 37 16.93 -1.75 -0.35
N HIS A 38 16.44 -1.40 -1.54
CA HIS A 38 16.84 -0.18 -2.22
C HIS A 38 16.65 1.04 -1.31
N ALA A 39 15.56 1.08 -0.55
CA ALA A 39 15.24 2.22 0.30
C ALA A 39 16.26 2.35 1.44
N GLU A 40 16.99 1.27 1.73
CA GLU A 40 17.96 1.24 2.82
C GLU A 40 19.33 1.75 2.36
N ILE A 41 19.56 1.76 1.03
CA ILE A 41 20.91 1.97 0.48
C ILE A 41 20.97 3.25 -0.36
N LEU A 42 20.04 3.36 -1.32
CA LEU A 42 20.16 4.32 -2.41
C LEU A 42 20.34 5.75 -1.89
N PRO A 43 19.46 6.24 -1.00
CA PRO A 43 19.61 7.58 -0.43
C PRO A 43 20.93 7.79 0.36
N VAL A 44 21.35 6.80 1.16
CA VAL A 44 22.56 7.00 1.98
C VAL A 44 23.76 7.12 1.04
N VAL A 45 23.84 6.25 0.03
CA VAL A 45 24.99 6.20 -0.88
C VAL A 45 25.05 7.48 -1.71
N VAL A 46 23.88 7.95 -2.17
CA VAL A 46 23.80 9.19 -2.93
C VAL A 46 24.37 10.34 -2.08
N LYS A 47 23.95 10.43 -0.82
CA LYS A 47 24.37 11.52 0.07
C LYS A 47 25.89 11.48 0.29
N LYS A 48 26.42 10.29 0.60
CA LYS A 48 27.84 10.13 0.90
C LYS A 48 28.67 10.54 -0.31
N LEU A 49 28.25 10.07 -1.50
CA LEU A 49 28.97 10.31 -2.73
C LEU A 49 29.07 11.83 -2.98
N LEU A 50 27.92 12.51 -2.94
CA LEU A 50 27.85 13.95 -3.17
C LEU A 50 28.76 14.68 -2.18
N ASP A 51 28.73 14.24 -0.91
CA ASP A 51 29.47 14.89 0.17
C ASP A 51 30.99 14.78 -0.08
N GLU A 52 31.43 13.61 -0.54
CA GLU A 52 32.84 13.29 -0.69
C GLU A 52 33.43 14.06 -1.89
N LEU A 53 32.56 14.42 -2.84
CA LEU A 53 32.95 15.17 -4.03
C LEU A 53 32.62 16.65 -3.87
N ASP A 54 32.34 17.05 -2.62
CA ASP A 54 32.01 18.44 -2.28
C ASP A 54 31.00 18.98 -3.29
N LEU A 55 29.84 18.34 -3.36
CA LEU A 55 28.82 18.62 -4.33
C LEU A 55 27.45 18.74 -3.63
N LYS A 56 26.72 19.80 -3.95
CA LYS A 56 25.35 19.97 -3.51
C LYS A 56 24.45 19.68 -4.71
N VAL A 57 23.19 19.33 -4.44
CA VAL A 57 22.30 18.86 -5.49
C VAL A 57 22.05 20.00 -6.49
N LYS A 58 21.97 21.24 -5.97
CA LYS A 58 21.60 22.38 -6.80
C LYS A 58 22.70 22.64 -7.84
N ASP A 59 23.90 22.10 -7.60
CA ASP A 59 25.06 22.28 -8.49
C ASP A 59 24.98 21.32 -9.68
N LEU A 60 23.96 20.44 -9.69
CA LEU A 60 23.81 19.40 -10.73
C LEU A 60 23.17 20.01 -11.98
N ASP A 61 23.68 19.58 -13.14
CA ASP A 61 23.26 20.10 -14.44
C ASP A 61 22.15 19.21 -15.00
N VAL A 62 22.18 17.92 -14.65
CA VAL A 62 21.13 16.98 -15.03
C VAL A 62 21.19 15.75 -14.10
N VAL A 63 20.03 15.13 -13.88
CA VAL A 63 19.92 13.88 -13.17
C VAL A 63 19.26 12.85 -14.09
N GLY A 64 19.98 11.76 -14.35
CA GLY A 64 19.45 10.61 -15.06
C GLY A 64 18.82 9.61 -14.12
N VAL A 65 17.73 8.98 -14.57
CA VAL A 65 17.02 7.97 -13.79
C VAL A 65 16.50 6.90 -14.76
N GLY A 66 16.72 5.63 -14.39
CA GLY A 66 16.11 4.50 -15.08
C GLY A 66 14.61 4.46 -14.85
N ILE A 67 13.84 4.19 -15.90
CA ILE A 67 12.39 4.25 -15.86
C ILE A 67 11.79 2.88 -16.19
N GLY A 68 12.65 1.86 -16.30
CA GLY A 68 12.23 0.50 -16.62
C GLY A 68 12.62 0.13 -18.05
N PRO A 69 12.22 -1.07 -18.49
CA PRO A 69 11.45 -2.01 -17.68
C PRO A 69 12.30 -2.64 -16.57
N GLY A 70 11.63 -3.06 -15.50
CA GLY A 70 12.30 -3.59 -14.31
C GLY A 70 11.31 -3.83 -13.18
N GLY A 71 11.85 -4.06 -11.98
CA GLY A 71 11.08 -4.37 -10.79
C GLY A 71 10.37 -3.14 -10.24
N LEU A 72 9.07 -3.28 -10.00
CA LEU A 72 8.19 -2.17 -9.66
C LEU A 72 8.74 -1.43 -8.43
N THR A 73 8.99 -2.17 -7.36
CA THR A 73 9.43 -1.62 -6.09
C THR A 73 10.70 -0.79 -6.30
N GLY A 74 11.67 -1.37 -7.01
CA GLY A 74 12.94 -0.73 -7.30
C GLY A 74 12.76 0.59 -8.03
N LEU A 75 12.01 0.55 -9.14
CA LEU A 75 11.79 1.72 -9.99
C LEU A 75 11.15 2.85 -9.17
N ARG A 76 10.14 2.49 -8.36
CA ARG A 76 9.42 3.45 -7.53
C ARG A 76 10.40 4.16 -6.58
N VAL A 77 11.29 3.40 -5.95
CA VAL A 77 12.24 3.97 -5.01
C VAL A 77 13.13 4.96 -5.77
N GLY A 78 13.77 4.50 -6.84
CA GLY A 78 14.68 5.30 -7.66
C GLY A 78 14.05 6.60 -8.14
N ILE A 79 12.92 6.49 -8.84
CA ILE A 79 12.25 7.65 -9.42
C ILE A 79 11.84 8.62 -8.31
N ALA A 80 11.22 8.08 -7.26
CA ALA A 80 10.73 8.90 -6.16
C ALA A 80 11.88 9.68 -5.51
N THR A 81 13.03 9.04 -5.29
CA THR A 81 14.14 9.72 -4.61
C THR A 81 14.64 10.85 -5.52
N VAL A 82 14.66 10.58 -6.83
CA VAL A 82 15.10 11.57 -7.82
C VAL A 82 14.17 12.79 -7.77
N VAL A 83 12.86 12.54 -7.68
CA VAL A 83 11.86 13.59 -7.58
C VAL A 83 12.19 14.46 -6.36
N GLY A 84 12.51 13.80 -5.24
CA GLY A 84 12.91 14.48 -4.03
C GLY A 84 14.19 15.29 -4.22
N LEU A 85 15.10 14.79 -5.07
CA LEU A 85 16.38 15.46 -5.29
C LEU A 85 16.17 16.75 -6.08
N VAL A 86 15.42 16.66 -7.19
CA VAL A 86 15.40 17.72 -8.21
C VAL A 86 14.26 18.72 -7.95
N SER A 87 13.19 18.28 -7.29
CA SER A 87 11.94 19.05 -7.25
C SER A 87 12.20 20.48 -6.75
N PRO A 88 13.05 20.68 -5.70
CA PRO A 88 13.28 22.02 -5.17
C PRO A 88 13.93 23.01 -6.15
N TYR A 89 14.59 22.49 -7.19
CA TYR A 89 15.43 23.33 -8.06
C TYR A 89 15.02 23.17 -9.53
N ASP A 90 14.06 22.28 -9.81
CA ASP A 90 13.59 21.98 -11.17
C ASP A 90 14.78 21.60 -12.06
N ILE A 91 15.71 20.81 -11.52
CA ILE A 91 16.85 20.32 -12.27
C ILE A 91 16.35 19.33 -13.33
N PRO A 92 16.80 19.47 -14.59
CA PRO A 92 16.30 18.61 -15.67
C PRO A 92 16.63 17.13 -15.45
N VAL A 93 15.77 16.27 -16.00
CA VAL A 93 15.79 14.84 -15.74
C VAL A 93 15.91 14.09 -17.07
N ALA A 94 16.94 13.23 -17.16
CA ALA A 94 17.11 12.35 -18.30
C ALA A 94 16.44 11.01 -17.99
N PRO A 95 15.30 10.69 -18.65
CA PRO A 95 14.69 9.37 -18.51
C PRO A 95 15.47 8.31 -19.29
N LEU A 96 15.89 7.25 -18.59
CA LEU A 96 16.76 6.21 -19.14
C LEU A 96 15.99 4.89 -19.24
N ASN A 97 15.98 4.33 -20.45
CA ASN A 97 15.41 3.01 -20.69
C ASN A 97 16.40 1.95 -20.19
N SER A 98 15.99 1.23 -19.14
CA SER A 98 16.86 0.32 -18.41
C SER A 98 17.37 -0.79 -19.32
N PHE A 99 16.55 -1.17 -20.31
CA PHE A 99 16.88 -2.25 -21.24
C PHE A 99 17.93 -1.76 -22.25
N GLU A 100 17.77 -0.50 -22.71
CA GLU A 100 18.74 0.13 -23.60
C GLU A 100 20.08 0.27 -22.86
N MET A 101 20.00 0.72 -21.60
CA MET A 101 21.18 0.89 -20.76
C MET A 101 21.91 -0.46 -20.64
N THR A 102 21.12 -1.53 -20.50
CA THR A 102 21.65 -2.88 -20.39
C THR A 102 22.41 -3.24 -21.68
N ALA A 103 21.78 -2.95 -22.82
CA ALA A 103 22.34 -3.28 -24.13
C ALA A 103 23.66 -2.56 -24.35
N LYS A 104 23.69 -1.26 -24.01
CA LYS A 104 24.84 -0.38 -24.24
C LYS A 104 25.98 -0.74 -23.28
N SER A 105 25.65 -1.45 -22.19
CA SER A 105 26.62 -1.81 -21.15
C SER A 105 27.40 -3.07 -21.55
N CYS A 106 27.08 -3.62 -22.73
CA CYS A 106 27.70 -4.82 -23.26
C CYS A 106 28.88 -4.44 -24.15
N PRO A 107 30.12 -4.88 -23.82
CA PRO A 107 31.31 -4.48 -24.55
C PRO A 107 31.19 -4.65 -26.08
N ALA A 108 30.61 -5.78 -26.51
CA ALA A 108 30.55 -6.16 -27.92
C ALA A 108 29.52 -5.31 -28.66
N ASP A 109 29.44 -5.53 -29.98
CA ASP A 109 28.46 -4.89 -30.86
C ASP A 109 27.71 -5.97 -31.65
N GLY A 110 26.69 -5.54 -32.40
CA GLY A 110 25.93 -6.41 -33.29
C GLY A 110 24.45 -6.39 -32.98
N VAL A 111 23.89 -7.58 -32.71
CA VAL A 111 22.47 -7.77 -32.40
C VAL A 111 22.36 -8.37 -31.00
N VAL A 112 21.56 -7.70 -30.15
CA VAL A 112 21.50 -7.98 -28.71
C VAL A 112 20.04 -8.18 -28.31
N LEU A 113 19.79 -9.19 -27.47
CA LEU A 113 18.45 -9.45 -26.93
C LEU A 113 18.50 -9.45 -25.40
N VAL A 114 17.62 -8.65 -24.80
CA VAL A 114 17.54 -8.44 -23.36
C VAL A 114 16.22 -9.01 -22.85
N ALA A 115 16.28 -9.79 -21.76
CA ALA A 115 15.11 -10.47 -21.24
C ALA A 115 15.15 -10.54 -19.71
N ARG A 116 13.99 -10.33 -19.09
CA ARG A 116 13.78 -10.44 -17.65
C ARG A 116 12.50 -11.26 -17.43
N ARG A 117 12.56 -12.26 -16.55
CA ARG A 117 11.41 -13.12 -16.32
C ARG A 117 10.35 -12.31 -15.55
N ALA A 118 9.10 -12.46 -15.98
CA ALA A 118 7.93 -11.93 -15.30
C ALA A 118 7.36 -13.02 -14.39
N ARG A 119 6.03 -13.20 -14.43
CA ARG A 119 5.37 -14.32 -13.78
C ARG A 119 5.72 -15.60 -14.55
N LYS A 120 5.82 -16.71 -13.84
CA LYS A 120 6.19 -18.00 -14.42
C LYS A 120 5.64 -18.09 -15.85
N GLY A 121 6.52 -18.41 -16.81
CA GLY A 121 6.14 -18.73 -18.18
C GLY A 121 6.01 -17.49 -19.05
N TYR A 122 6.50 -16.35 -18.54
CA TYR A 122 6.48 -15.08 -19.27
C TYR A 122 7.79 -14.32 -19.03
N HIS A 123 8.09 -13.38 -19.95
CA HIS A 123 9.34 -12.63 -19.99
C HIS A 123 9.12 -11.25 -20.62
N TYR A 124 9.64 -10.20 -19.98
CA TYR A 124 9.91 -8.93 -20.65
C TYR A 124 11.09 -9.14 -21.61
N CYS A 125 11.06 -8.52 -22.79
CA CYS A 125 12.18 -8.65 -23.71
C CYS A 125 12.16 -7.57 -24.80
N ALA A 126 13.34 -7.30 -25.35
CA ALA A 126 13.57 -6.37 -26.45
C ALA A 126 14.80 -6.84 -27.25
N VAL A 127 14.86 -6.44 -28.52
CA VAL A 127 15.99 -6.75 -29.39
C VAL A 127 16.54 -5.45 -29.97
N TYR A 128 17.87 -5.34 -30.00
CA TYR A 128 18.56 -4.10 -30.34
C TYR A 128 19.70 -4.37 -31.32
N LEU A 129 19.72 -3.59 -32.41
CA LEU A 129 20.85 -3.51 -33.33
C LEU A 129 21.81 -2.44 -32.81
N LYS A 130 23.02 -2.85 -32.45
CA LYS A 130 23.95 -2.03 -31.68
C LYS A 130 25.30 -1.94 -32.39
N ASP A 131 25.68 -0.71 -32.76
CA ASP A 131 26.98 -0.40 -33.40
C ASP A 131 27.50 0.92 -32.84
N LYS A 132 27.34 2.00 -33.62
CA LYS A 132 27.70 3.35 -33.16
C LYS A 132 26.77 3.72 -32.00
N GLY A 133 25.50 3.95 -32.33
CA GLY A 133 24.44 4.08 -31.34
C GLY A 133 23.80 2.74 -31.05
N LEU A 134 22.48 2.67 -31.24
CA LEU A 134 21.67 1.51 -30.88
C LEU A 134 20.25 1.71 -31.41
N ASN A 135 19.76 0.71 -32.14
CA ASN A 135 18.51 0.80 -32.88
C ASN A 135 17.60 -0.37 -32.51
N PRO A 136 16.30 -0.11 -32.28
CA PRO A 136 15.38 -1.13 -31.77
C PRO A 136 14.81 -2.01 -32.88
N LEU A 137 15.15 -3.31 -32.84
CA LEU A 137 14.64 -4.29 -33.80
C LEU A 137 13.26 -4.79 -33.35
N LYS A 138 13.03 -4.81 -32.03
CA LYS A 138 11.69 -4.91 -31.48
C LYS A 138 11.67 -4.25 -30.10
N GLU A 139 10.67 -3.39 -29.89
CA GLU A 139 10.54 -2.60 -28.68
C GLU A 139 10.23 -3.53 -27.50
N PRO A 140 10.65 -3.17 -26.27
CA PRO A 140 10.34 -3.97 -25.08
C PRO A 140 8.85 -4.34 -25.01
N SER A 141 8.56 -5.63 -24.82
CA SER A 141 7.21 -6.16 -24.71
C SER A 141 7.22 -7.43 -23.85
N VAL A 142 6.02 -7.95 -23.57
CA VAL A 142 5.85 -9.19 -22.82
C VAL A 142 5.63 -10.35 -23.81
N VAL A 143 6.22 -11.51 -23.49
CA VAL A 143 6.10 -12.72 -24.31
C VAL A 143 6.05 -13.93 -23.37
N SER A 144 5.54 -15.05 -23.88
CA SER A 144 5.60 -16.34 -23.21
C SER A 144 6.95 -17.00 -23.50
N ASP A 145 7.24 -18.09 -22.78
CA ASP A 145 8.51 -18.80 -22.94
C ASP A 145 8.63 -19.31 -24.38
N GLU A 146 7.50 -19.75 -24.94
CA GLU A 146 7.45 -20.25 -26.32
C GLU A 146 7.73 -19.09 -27.28
N GLU A 147 7.08 -17.95 -27.03
CA GLU A 147 7.12 -16.79 -27.93
C GLU A 147 8.51 -16.15 -27.88
N LEU A 148 9.23 -16.36 -26.77
CA LEU A 148 10.60 -15.90 -26.61
C LEU A 148 11.49 -16.63 -27.62
N GLU A 149 11.26 -17.93 -27.79
CA GLU A 149 12.04 -18.79 -28.68
C GLU A 149 11.80 -18.38 -30.14
N GLU A 150 10.57 -17.92 -30.41
CA GLU A 150 10.21 -17.38 -31.73
C GLU A 150 11.15 -16.23 -32.07
N ILE A 151 11.50 -15.44 -31.05
CA ILE A 151 12.26 -14.21 -31.21
C ILE A 151 13.75 -14.55 -31.40
N THR A 152 14.20 -15.63 -30.76
CA THR A 152 15.61 -16.03 -30.77
C THR A 152 15.99 -16.60 -32.14
N LYS A 153 14.99 -17.08 -32.88
CA LYS A 153 15.18 -17.57 -34.24
C LYS A 153 14.92 -16.43 -35.24
N GLU A 154 13.84 -15.68 -35.01
CA GLU A 154 13.38 -14.63 -35.93
C GLU A 154 14.45 -13.55 -36.07
N PHE A 155 15.22 -13.33 -35.00
CA PHE A 155 16.40 -12.47 -35.03
C PHE A 155 17.64 -13.31 -34.71
N SER A 156 18.82 -12.73 -34.99
CA SER A 156 20.09 -13.36 -34.65
C SER A 156 20.35 -13.18 -33.16
N PRO A 157 20.52 -14.29 -32.39
CA PRO A 157 20.86 -14.19 -30.97
C PRO A 157 22.37 -14.09 -30.79
N LYS A 158 22.95 -12.95 -31.20
CA LYS A 158 24.40 -12.77 -31.20
C LYS A 158 24.88 -12.64 -29.75
N ILE A 159 24.22 -11.78 -28.97
CA ILE A 159 24.40 -11.71 -27.52
C ILE A 159 23.03 -11.80 -26.86
N VAL A 160 22.95 -12.54 -25.75
CA VAL A 160 21.69 -12.82 -25.06
C VAL A 160 21.85 -12.43 -23.58
N LEU A 161 21.42 -11.20 -23.25
CA LEU A 161 21.41 -10.69 -21.88
C LEU A 161 20.12 -11.12 -21.18
N LYS A 162 20.21 -12.13 -20.32
CA LYS A 162 19.03 -12.79 -19.77
C LYS A 162 19.09 -12.78 -18.24
N ASP A 163 18.07 -12.18 -17.62
CA ASP A 163 17.65 -12.45 -16.25
C ASP A 163 18.50 -11.66 -15.25
N ASP A 164 19.83 -11.67 -15.41
CA ASP A 164 20.74 -10.91 -14.54
C ASP A 164 21.52 -9.90 -15.37
N LEU A 165 21.11 -8.63 -15.29
CA LEU A 165 21.50 -7.60 -16.24
C LEU A 165 22.55 -6.67 -15.62
N LEU A 166 23.71 -6.58 -16.28
CA LEU A 166 24.77 -5.66 -15.92
C LEU A 166 24.46 -4.29 -16.52
N ILE A 167 24.43 -3.27 -15.64
CA ILE A 167 24.30 -1.87 -16.03
C ILE A 167 25.57 -1.13 -15.59
N SER A 168 26.29 -0.57 -16.56
CA SER A 168 27.45 0.26 -16.28
C SER A 168 26.99 1.67 -15.92
N PRO A 169 27.22 2.13 -14.67
CA PRO A 169 26.87 3.49 -14.26
C PRO A 169 27.47 4.59 -15.16
N ALA A 170 28.66 4.32 -15.72
CA ALA A 170 29.28 5.23 -16.67
C ALA A 170 28.34 5.47 -17.85
N VAL A 171 27.70 4.39 -18.32
CA VAL A 171 26.81 4.43 -19.47
C VAL A 171 25.58 5.27 -19.12
N LEU A 172 25.16 5.24 -17.85
CA LEU A 172 24.04 6.02 -17.36
C LEU A 172 24.37 7.51 -17.48
N VAL A 173 25.57 7.87 -17.03
CA VAL A 173 26.05 9.24 -17.05
C VAL A 173 26.15 9.71 -18.49
N GLU A 174 26.68 8.84 -19.36
CA GLU A 174 26.94 9.18 -20.76
C GLU A 174 25.60 9.44 -21.48
N GLU A 175 24.61 8.60 -21.21
CA GLU A 175 23.31 8.71 -21.87
C GLU A 175 22.57 9.94 -21.35
N SER A 176 22.70 10.22 -20.06
CA SER A 176 22.12 11.39 -19.44
C SER A 176 22.64 12.65 -20.12
N GLU A 177 23.95 12.66 -20.37
CA GLU A 177 24.63 13.79 -21.01
C GLU A 177 24.10 13.94 -22.43
N ARG A 178 23.93 12.82 -23.12
CA ARG A 178 23.51 12.80 -24.52
C ARG A 178 22.11 13.41 -24.63
N LEU A 179 21.19 12.94 -23.79
CA LEU A 179 19.81 13.41 -23.78
C LEU A 179 19.76 14.90 -23.45
N PHE A 180 20.69 15.34 -22.60
CA PHE A 180 20.76 16.74 -22.18
C PHE A 180 21.21 17.61 -23.35
N ARG A 181 22.17 17.10 -24.13
CA ARG A 181 22.75 17.81 -25.27
C ARG A 181 21.75 17.83 -26.45
N GLU A 182 20.79 16.90 -26.42
CA GLU A 182 19.80 16.75 -27.49
C GLU A 182 18.49 17.45 -27.08
N LYS A 183 18.51 18.12 -25.93
CA LYS A 183 17.34 18.80 -25.37
C LYS A 183 16.16 17.82 -25.29
N LYS A 184 16.42 16.63 -24.75
CA LYS A 184 15.40 15.58 -24.62
C LYS A 184 15.09 15.35 -23.14
N THR A 185 15.63 16.20 -22.26
CA THR A 185 15.36 16.13 -20.83
C THR A 185 13.93 16.60 -20.56
N ILE A 186 13.42 16.26 -19.37
CA ILE A 186 12.06 16.52 -18.98
C ILE A 186 12.04 17.05 -17.55
N HIS A 187 10.86 17.51 -17.11
CA HIS A 187 10.66 17.97 -15.75
C HIS A 187 10.37 16.76 -14.85
N TYR A 188 10.54 16.94 -13.54
CA TYR A 188 10.38 15.88 -12.56
C TYR A 188 8.90 15.45 -12.47
N TYR A 189 8.01 16.30 -12.98
CA TYR A 189 6.57 16.06 -12.89
C TYR A 189 6.02 15.53 -14.23
N GLU A 190 6.94 15.03 -15.08
CA GLU A 190 6.58 14.54 -16.42
C GLU A 190 7.10 13.11 -16.63
N ILE A 191 7.52 12.44 -15.55
CA ILE A 191 8.17 11.14 -15.66
C ILE A 191 7.11 10.06 -15.92
N GLU A 192 7.39 9.19 -16.90
CA GLU A 192 6.45 8.17 -17.39
C GLU A 192 7.16 6.82 -17.44
N PRO A 193 7.14 6.05 -16.34
CA PRO A 193 7.83 4.75 -16.30
C PRO A 193 7.29 3.75 -17.33
N LEU A 194 8.19 2.92 -17.87
CA LEU A 194 7.83 1.81 -18.74
C LEU A 194 7.28 0.66 -17.88
N TYR A 195 5.96 0.66 -17.69
CA TYR A 195 5.25 -0.43 -17.02
C TYR A 195 4.73 -1.40 -18.08
N LEU A 196 5.50 -2.46 -18.35
CA LEU A 196 5.08 -3.52 -19.27
C LEU A 196 4.14 -4.48 -18.52
N GLN A 197 4.38 -4.59 -17.20
CA GLN A 197 3.48 -5.24 -16.24
C GLN A 197 2.03 -5.22 -16.75
N LYS A 198 1.61 -4.10 -17.34
CA LYS A 198 0.20 -3.82 -17.63
C LYS A 198 -0.29 -4.61 -18.84
N SER A 199 0.64 -5.20 -19.60
CA SER A 199 0.33 -5.87 -20.87
C SER A 199 -0.14 -7.30 -20.63
N ILE A 200 0.19 -7.86 -19.46
CA ILE A 200 -0.11 -9.26 -19.12
C ILE A 200 -1.61 -9.40 -18.83
N ALA A 201 -2.27 -8.27 -18.57
CA ALA A 201 -3.70 -8.23 -18.26
C ALA A 201 -4.52 -8.66 -19.50
N GLU A 202 -4.03 -8.29 -20.69
CA GLU A 202 -4.76 -8.47 -21.94
C GLU A 202 -4.29 -9.74 -22.66
N LEU A 203 -3.00 -10.08 -22.51
CA LEU A 203 -2.38 -11.19 -23.26
C LEU A 203 -2.76 -12.54 -22.62
N ASN A 204 -3.12 -12.50 -21.33
CA ASN A 204 -3.49 -13.72 -20.58
C ASN A 204 -4.99 -13.69 -20.25
N TRP A 205 -5.73 -12.74 -20.85
CA TRP A 205 -7.17 -12.60 -20.63
C TRP A 205 -7.93 -13.60 -21.50
N GLU A 206 -7.24 -14.17 -22.50
CA GLU A 206 -7.83 -15.17 -23.41
C GLU A 206 -6.92 -16.41 -23.44
N LYS A 207 -6.03 -16.48 -24.44
CA LYS A 207 -5.13 -17.64 -24.60
C LYS A 207 -3.85 -17.19 -25.34
N LYS A 208 -3.52 -17.90 -26.43
CA LYS A 208 -2.35 -17.59 -27.26
C LYS A 208 -2.81 -17.00 -28.60
N LYS A 209 -3.34 -15.77 -28.55
CA LYS A 209 -3.82 -15.05 -29.73
C LYS A 209 -3.98 -13.56 -29.39
N ARG A 210 -3.65 -12.68 -30.35
CA ARG A 210 -3.75 -11.23 -30.15
C ARG A 210 -3.72 -10.51 -31.52
N GLY A 211 -4.72 -10.77 -32.36
CA GLY A 211 -4.82 -10.13 -33.67
C GLY A 211 -5.81 -10.85 -34.58
N GLU B 1 12.17 34.91 15.84
CA GLU B 1 11.32 33.73 15.48
C GLU B 1 12.22 32.49 15.30
N GLY B 2 12.15 31.58 16.27
CA GLY B 2 12.67 30.23 16.13
C GLY B 2 11.62 29.34 15.48
N ARG B 3 11.17 29.76 14.29
CA ARG B 3 10.05 29.13 13.59
C ARG B 3 10.52 27.84 12.91
N MET B 4 9.79 26.75 13.18
CA MET B 4 10.05 25.45 12.57
C MET B 4 8.94 25.13 11.55
N ARG B 5 9.33 25.16 10.27
CA ARG B 5 8.43 24.88 9.16
C ARG B 5 8.66 23.45 8.67
N VAL B 6 7.58 22.66 8.64
CA VAL B 6 7.66 21.22 8.39
C VAL B 6 6.82 20.87 7.16
N LEU B 7 7.46 20.25 6.17
CA LEU B 7 6.78 19.71 5.00
C LEU B 7 6.49 18.23 5.24
N GLY B 8 5.19 17.86 5.22
CA GLY B 8 4.76 16.49 5.46
C GLY B 8 4.35 15.80 4.16
N ILE B 9 4.58 14.48 4.09
CA ILE B 9 4.18 13.63 2.97
C ILE B 9 3.44 12.41 3.50
N GLU B 10 2.38 12.01 2.78
CA GLU B 10 1.53 10.89 3.19
C GLU B 10 1.11 10.12 1.94
N THR B 11 1.50 8.84 1.86
CA THR B 11 1.18 7.96 0.73
C THR B 11 1.03 6.51 1.22
N SER B 12 0.30 6.32 2.33
CA SER B 12 0.26 5.05 3.04
C SER B 12 -0.75 4.08 2.40
N CYS B 13 -1.80 4.63 1.78
CA CYS B 13 -2.93 3.84 1.27
C CYS B 13 -3.41 4.42 -0.07
N ASP B 14 -4.56 5.11 -0.06
CA ASP B 14 -5.24 5.55 -1.28
C ASP B 14 -4.91 7.02 -1.58
N GLU B 15 -4.75 7.81 -0.51
CA GLU B 15 -4.55 9.25 -0.59
C GLU B 15 -3.07 9.56 -0.81
N THR B 16 -2.79 10.42 -1.81
CA THR B 16 -1.50 11.13 -1.92
C THR B 16 -1.69 12.55 -1.38
N ALA B 17 -0.84 12.96 -0.43
CA ALA B 17 -1.02 14.23 0.26
C ALA B 17 0.34 14.87 0.59
N VAL B 18 0.39 16.20 0.45
CA VAL B 18 1.53 17.02 0.86
C VAL B 18 0.97 18.22 1.65
N ALA B 19 1.65 18.55 2.75
CA ALA B 19 1.27 19.70 3.59
C ALA B 19 2.53 20.43 4.07
N VAL B 20 2.38 21.72 4.37
CA VAL B 20 3.41 22.51 5.04
C VAL B 20 2.78 23.17 6.28
N LEU B 21 3.49 23.11 7.40
CA LEU B 21 2.99 23.51 8.70
C LEU B 21 4.08 24.24 9.49
N ASP B 22 3.68 25.34 10.14
CA ASP B 22 4.58 26.18 10.91
C ASP B 22 4.27 26.03 12.42
N ASP B 23 5.29 25.66 13.19
CA ASP B 23 5.25 25.65 14.66
C ASP B 23 4.04 24.84 15.14
N GLY B 24 3.66 23.81 14.37
CA GLY B 24 2.63 22.85 14.76
C GLY B 24 1.26 23.50 14.94
N LYS B 25 1.04 24.60 14.23
CA LYS B 25 -0.17 25.43 14.41
C LYS B 25 -0.64 25.97 13.06
N ASN B 26 0.26 26.67 12.35
CA ASN B 26 -0.11 27.51 11.21
C ASN B 26 -0.01 26.71 9.91
N VAL B 27 -1.17 26.45 9.29
CA VAL B 27 -1.24 25.67 8.06
C VAL B 27 -0.96 26.61 6.88
N VAL B 28 -0.01 26.20 6.03
CA VAL B 28 0.48 27.01 4.91
C VAL B 28 -0.06 26.42 3.60
N VAL B 29 0.08 25.09 3.49
CA VAL B 29 -0.41 24.32 2.38
C VAL B 29 -0.95 23.00 2.94
N ASN B 30 -2.11 22.56 2.43
CA ASN B 30 -2.71 21.29 2.81
C ASN B 30 -3.40 20.69 1.57
N PHE B 31 -2.61 19.99 0.75
CA PHE B 31 -3.10 19.40 -0.49
C PHE B 31 -3.36 17.90 -0.29
N THR B 32 -4.47 17.44 -0.88
CA THR B 32 -4.73 16.03 -1.09
C THR B 32 -5.17 15.85 -2.54
N VAL B 33 -4.85 14.69 -3.12
CA VAL B 33 -5.27 14.36 -4.47
C VAL B 33 -6.80 14.36 -4.52
N SER B 34 -7.44 14.02 -3.39
CA SER B 34 -8.89 13.93 -3.29
C SER B 34 -9.52 15.27 -3.69
N GLN B 35 -8.94 16.36 -3.18
CA GLN B 35 -9.41 17.73 -3.42
C GLN B 35 -9.19 18.11 -4.89
N ILE B 36 -7.99 17.78 -5.40
CA ILE B 36 -7.57 18.11 -6.76
C ILE B 36 -8.49 17.39 -7.75
N GLU B 37 -8.94 16.19 -7.36
CA GLU B 37 -9.90 15.40 -8.13
C GLU B 37 -11.32 15.96 -7.92
N VAL B 38 -11.78 15.90 -6.67
CA VAL B 38 -13.19 16.15 -6.31
C VAL B 38 -13.58 17.58 -6.69
N HIS B 39 -12.58 18.41 -7.00
CA HIS B 39 -12.79 19.65 -7.76
C HIS B 39 -12.36 19.42 -9.22
N GLN B 40 -13.10 20.01 -10.15
CA GLN B 40 -12.87 19.86 -11.59
C GLN B 40 -11.44 20.29 -11.93
N LYS B 41 -10.97 19.90 -13.12
CA LYS B 41 -9.61 20.22 -13.60
C LYS B 41 -9.51 19.90 -15.09
N PHE B 42 -10.19 20.70 -15.92
CA PHE B 42 -10.26 20.49 -17.36
C PHE B 42 -8.84 20.51 -17.96
N GLY B 43 -8.39 19.35 -18.44
CA GLY B 43 -7.07 19.18 -19.07
C GLY B 43 -5.94 19.75 -18.24
N GLY B 44 -5.09 20.57 -18.87
CA GLY B 44 -3.99 21.27 -18.20
C GLY B 44 -2.73 21.33 -19.06
N VAL B 45 -1.82 22.24 -18.70
CA VAL B 45 -0.46 22.27 -19.27
C VAL B 45 0.51 21.71 -18.22
N VAL B 46 -0.06 21.00 -17.23
CA VAL B 46 0.69 20.16 -16.30
C VAL B 46 -0.11 18.87 -16.09
N PRO B 47 0.53 17.68 -16.12
CA PRO B 47 -0.20 16.41 -16.07
C PRO B 47 -1.36 16.40 -15.06
N GLU B 48 -2.11 15.30 -15.05
CA GLU B 48 -3.36 15.16 -14.27
C GLU B 48 -3.13 14.14 -13.14
N VAL B 49 -4.05 14.11 -12.17
CA VAL B 49 -3.97 13.20 -11.02
C VAL B 49 -5.10 12.18 -11.07
N ALA B 50 -4.86 11.02 -10.44
CA ALA B 50 -5.87 9.96 -10.23
C ALA B 50 -5.54 9.24 -8.91
N ALA B 51 -6.56 8.60 -8.32
CA ALA B 51 -6.46 8.04 -6.97
C ALA B 51 -5.50 6.84 -6.95
N ARG B 52 -4.61 6.83 -5.94
CA ARG B 52 -3.70 5.72 -5.61
C ARG B 52 -2.52 5.66 -6.61
N HIS B 53 -2.37 6.70 -7.44
CA HIS B 53 -1.25 6.80 -8.38
C HIS B 53 -0.16 7.71 -7.80
N HIS B 54 0.51 7.20 -6.77
CA HIS B 54 1.35 8.00 -5.87
C HIS B 54 2.57 8.56 -6.61
N LEU B 55 3.15 7.75 -7.50
CA LEU B 55 4.42 8.09 -8.12
C LEU B 55 4.25 9.30 -9.04
N LYS B 56 3.11 9.40 -9.71
CA LYS B 56 2.88 10.47 -10.68
C LYS B 56 2.13 11.63 -10.01
N ASN B 57 1.42 11.37 -8.91
CA ASN B 57 0.64 12.38 -8.20
C ASN B 57 1.56 13.27 -7.36
N LEU B 58 2.45 12.62 -6.60
CA LEU B 58 3.26 13.30 -5.59
C LEU B 58 4.05 14.43 -6.25
N PRO B 59 4.71 14.20 -7.40
CA PRO B 59 5.42 15.26 -8.10
C PRO B 59 4.53 16.49 -8.30
N ILE B 60 3.28 16.25 -8.71
CA ILE B 60 2.30 17.29 -8.99
C ILE B 60 2.12 18.16 -7.74
N LEU B 61 1.85 17.51 -6.61
CA LEU B 61 1.55 18.19 -5.35
C LEU B 61 2.79 18.97 -4.88
N LEU B 62 3.98 18.40 -5.11
CA LEU B 62 5.22 19.06 -4.72
C LEU B 62 5.39 20.35 -5.52
N LYS B 63 5.06 20.29 -6.83
CA LYS B 63 5.13 21.45 -7.72
C LYS B 63 4.21 22.56 -7.17
N LYS B 64 2.97 22.19 -6.88
CA LYS B 64 1.97 23.08 -6.28
C LYS B 64 2.53 23.69 -4.98
N ALA B 65 3.06 22.82 -4.11
CA ALA B 65 3.54 23.20 -2.79
C ALA B 65 4.63 24.28 -2.90
N PHE B 66 5.54 24.10 -3.85
CA PHE B 66 6.74 24.90 -3.96
C PHE B 66 6.42 26.24 -4.65
N GLU B 67 5.28 26.29 -5.34
CA GLU B 67 4.78 27.52 -5.95
C GLU B 67 4.32 28.47 -4.85
N LYS B 68 3.74 27.91 -3.77
CA LYS B 68 3.24 28.68 -2.64
C LYS B 68 4.33 28.84 -1.59
N VAL B 69 5.17 27.81 -1.44
CA VAL B 69 6.19 27.76 -0.38
C VAL B 69 7.57 27.64 -1.02
N PRO B 70 8.44 28.67 -0.90
CA PRO B 70 9.80 28.59 -1.42
C PRO B 70 10.57 27.52 -0.66
N PRO B 71 11.25 26.59 -1.37
CA PRO B 71 11.78 25.38 -0.74
C PRO B 71 12.79 25.59 0.41
N GLU B 72 13.60 26.66 0.31
CA GLU B 72 14.73 26.86 1.23
C GLU B 72 14.20 27.19 2.64
N THR B 73 12.91 27.51 2.75
CA THR B 73 12.28 27.90 4.01
C THR B 73 11.88 26.66 4.81
N VAL B 74 11.96 25.49 4.18
CA VAL B 74 11.62 24.22 4.82
C VAL B 74 12.77 23.83 5.76
N ASP B 75 12.41 23.44 6.99
CA ASP B 75 13.36 23.17 8.05
C ASP B 75 13.48 21.66 8.29
N VAL B 76 12.35 20.96 8.17
CA VAL B 76 12.27 19.52 8.43
C VAL B 76 11.34 18.86 7.42
N VAL B 77 11.71 17.65 6.98
CA VAL B 77 10.90 16.84 6.06
C VAL B 77 10.41 15.60 6.81
N ALA B 78 9.10 15.33 6.70
CA ALA B 78 8.44 14.25 7.43
C ALA B 78 7.55 13.45 6.47
N ALA B 79 7.58 12.12 6.60
CA ALA B 79 6.81 11.23 5.76
C ALA B 79 6.38 9.99 6.55
N THR B 80 5.19 9.47 6.20
CA THR B 80 4.71 8.21 6.72
C THR B 80 5.57 7.08 6.15
N TYR B 81 5.96 6.12 7.01
CA TYR B 81 6.76 4.98 6.58
C TYR B 81 6.09 3.66 7.00
N GLY B 82 4.95 3.77 7.68
CA GLY B 82 4.08 2.63 7.96
C GLY B 82 3.07 2.97 9.03
N PRO B 83 2.09 2.07 9.24
CA PRO B 83 1.90 0.88 8.43
C PRO B 83 1.15 1.22 7.13
N GLY B 84 0.94 0.19 6.30
CA GLY B 84 0.20 0.30 5.05
C GLY B 84 0.78 -0.57 3.94
N LEU B 85 0.55 -0.16 2.69
CA LEU B 85 1.08 -0.82 1.49
C LEU B 85 2.56 -0.46 1.31
N ILE B 86 3.44 -1.47 1.22
CA ILE B 86 4.86 -1.21 1.02
C ILE B 86 5.02 -0.34 -0.23
N GLY B 87 4.35 -0.72 -1.32
CA GLY B 87 4.49 -0.08 -2.63
C GLY B 87 4.17 1.41 -2.60
N ALA B 88 3.24 1.79 -1.71
CA ALA B 88 2.75 3.16 -1.62
C ALA B 88 3.62 3.96 -0.64
N LEU B 89 3.76 3.43 0.57
CA LEU B 89 4.61 4.01 1.60
C LEU B 89 5.94 4.44 0.98
N LEU B 90 6.49 3.61 0.10
CA LEU B 90 7.86 3.75 -0.36
C LEU B 90 8.02 5.05 -1.17
N VAL B 91 6.98 5.43 -1.90
CA VAL B 91 7.03 6.59 -2.78
C VAL B 91 7.20 7.87 -1.94
N GLY B 92 6.28 8.07 -0.98
CA GLY B 92 6.37 9.17 -0.03
C GLY B 92 7.68 9.16 0.73
N LEU B 93 8.04 8.00 1.29
CA LEU B 93 9.23 7.86 2.11
C LEU B 93 10.47 8.26 1.31
N SER B 94 10.57 7.73 0.09
CA SER B 94 11.76 7.86 -0.75
C SER B 94 11.91 9.30 -1.26
N ALA B 95 10.79 9.92 -1.64
CA ALA B 95 10.79 11.30 -2.11
C ALA B 95 11.22 12.22 -0.96
N ALA B 96 10.75 11.91 0.26
CA ALA B 96 11.02 12.73 1.44
C ALA B 96 12.52 12.71 1.77
N LYS B 97 13.13 11.52 1.70
CA LYS B 97 14.57 11.38 1.91
C LYS B 97 15.32 12.13 0.80
N GLY B 98 14.76 12.08 -0.42
CA GLY B 98 15.25 12.85 -1.55
C GLY B 98 15.38 14.32 -1.19
N LEU B 99 14.29 14.88 -0.63
CA LEU B 99 14.18 16.31 -0.33
C LEU B 99 15.15 16.68 0.80
N ALA B 100 15.27 15.80 1.79
CA ALA B 100 16.19 16.00 2.91
C ALA B 100 17.61 16.20 2.38
N ILE B 101 18.02 15.32 1.46
CA ILE B 101 19.36 15.36 0.88
C ILE B 101 19.51 16.66 0.08
N SER B 102 18.46 16.99 -0.68
CA SER B 102 18.45 18.11 -1.60
C SER B 102 18.52 19.44 -0.84
N LEU B 103 17.75 19.53 0.26
CA LEU B 103 17.59 20.77 1.01
C LEU B 103 18.59 20.82 2.16
N GLU B 104 19.37 19.75 2.32
CA GLU B 104 20.27 19.60 3.46
C GLU B 104 19.49 19.91 4.75
N LYS B 105 18.35 19.23 4.91
CA LYS B 105 17.53 19.34 6.10
C LYS B 105 17.37 17.95 6.73
N PRO B 106 17.08 17.86 8.04
CA PRO B 106 16.85 16.57 8.69
C PRO B 106 15.49 15.96 8.28
N PHE B 107 15.31 14.69 8.61
CA PHE B 107 14.22 13.89 8.10
C PHE B 107 13.56 13.14 9.26
N VAL B 108 12.23 13.02 9.19
CA VAL B 108 11.46 12.35 10.23
C VAL B 108 10.50 11.35 9.59
N GLY B 109 10.63 10.09 9.98
CA GLY B 109 9.70 9.03 9.65
C GLY B 109 8.56 9.00 10.64
N VAL B 110 7.33 8.95 10.13
CA VAL B 110 6.14 9.14 10.93
C VAL B 110 5.26 7.89 10.82
N ASN B 111 4.64 7.51 11.94
CA ASN B 111 3.70 6.40 11.99
C ASN B 111 2.30 6.92 11.73
N HIS B 112 1.60 6.26 10.80
CA HIS B 112 0.37 6.78 10.20
C HIS B 112 -0.72 6.95 11.26
N VAL B 113 -0.85 5.96 12.16
CA VAL B 113 -1.94 5.97 13.13
C VAL B 113 -1.60 6.94 14.27
N GLU B 114 -0.32 7.03 14.64
CA GLU B 114 0.15 8.07 15.55
C GLU B 114 -0.22 9.43 14.98
N ALA B 115 0.05 9.62 13.68
CA ALA B 115 -0.24 10.87 12.98
C ALA B 115 -1.74 11.20 13.13
N HIS B 116 -2.61 10.23 12.83
CA HIS B 116 -4.06 10.42 12.93
C HIS B 116 -4.43 11.06 14.27
N VAL B 117 -3.68 10.70 15.32
CA VAL B 117 -3.99 11.11 16.69
C VAL B 117 -3.64 12.60 16.87
N GLN B 118 -2.70 13.09 16.06
CA GLN B 118 -2.27 14.49 16.12
C GLN B 118 -3.41 15.42 15.71
N ALA B 119 -4.39 14.88 14.98
CA ALA B 119 -5.58 15.65 14.59
C ALA B 119 -6.26 16.21 15.85
N VAL B 120 -6.14 15.48 16.96
CA VAL B 120 -6.78 15.83 18.22
C VAL B 120 -6.09 17.07 18.81
N PHE B 121 -4.76 17.13 18.64
CA PHE B 121 -3.93 18.15 19.27
C PHE B 121 -3.78 19.38 18.35
N LEU B 122 -3.99 19.17 17.04
CA LEU B 122 -4.12 20.26 16.08
C LEU B 122 -5.41 21.03 16.38
N ALA B 123 -6.47 20.26 16.67
CA ALA B 123 -7.84 20.75 16.80
C ALA B 123 -8.11 21.26 18.21
N ASN B 124 -7.26 20.84 19.18
CA ASN B 124 -7.38 21.24 20.57
C ASN B 124 -6.01 21.60 21.11
N PRO B 125 -5.46 22.76 20.68
CA PRO B 125 -4.08 23.14 21.03
C PRO B 125 -3.79 23.16 22.54
N ASP B 126 -4.84 23.30 23.35
CA ASP B 126 -4.70 23.45 24.80
C ASP B 126 -4.72 22.07 25.48
N LEU B 127 -5.09 21.03 24.72
CA LEU B 127 -5.35 19.71 25.28
C LEU B 127 -4.02 19.05 25.67
N LYS B 128 -3.97 18.56 26.92
CA LYS B 128 -2.80 17.92 27.49
C LYS B 128 -3.13 16.47 27.83
N PRO B 129 -2.33 15.49 27.38
CA PRO B 129 -2.50 14.10 27.81
C PRO B 129 -2.18 14.00 29.29
N PRO B 130 -2.52 12.86 29.91
CA PRO B 130 -3.00 11.68 29.20
C PRO B 130 -4.38 11.86 28.56
N LEU B 131 -4.62 11.11 27.48
CA LEU B 131 -5.97 10.84 27.02
C LEU B 131 -6.04 9.46 26.35
N VAL B 132 -7.27 8.98 26.16
CA VAL B 132 -7.57 7.78 25.41
C VAL B 132 -8.16 8.19 24.06
N VAL B 133 -7.76 7.48 23.00
CA VAL B 133 -8.27 7.75 21.67
C VAL B 133 -8.90 6.46 21.10
N LEU B 134 -10.17 6.57 20.71
CA LEU B 134 -10.76 5.61 19.79
C LEU B 134 -10.51 6.12 18.37
N MET B 135 -9.67 5.38 17.65
CA MET B 135 -9.44 5.59 16.23
C MET B 135 -10.28 4.57 15.46
N VAL B 136 -11.19 5.05 14.62
CA VAL B 136 -12.27 4.22 14.13
C VAL B 136 -12.73 4.72 12.75
N SER B 137 -11.89 4.49 11.75
CA SER B 137 -12.20 4.78 10.37
C SER B 137 -12.58 3.48 9.65
N GLY B 138 -12.39 3.47 8.32
CA GLY B 138 -12.59 2.29 7.50
C GLY B 138 -11.43 1.33 7.58
N GLY B 139 -10.21 1.88 7.47
CA GLY B 139 -8.99 1.10 7.59
C GLY B 139 -8.71 0.72 9.04
N HIS B 140 -8.82 1.72 9.93
CA HIS B 140 -8.33 1.61 11.30
C HIS B 140 -9.50 1.43 12.27
N THR B 141 -9.37 0.46 13.18
CA THR B 141 -10.20 0.38 14.38
C THR B 141 -9.26 0.02 15.55
N GLN B 142 -8.97 1.02 16.39
CA GLN B 142 -7.89 0.94 17.37
C GLN B 142 -8.23 1.78 18.61
N LEU B 143 -7.92 1.22 19.79
CA LEU B 143 -8.01 1.91 21.08
C LEU B 143 -6.59 2.22 21.57
N MET B 144 -6.30 3.50 21.80
CA MET B 144 -4.95 3.92 22.11
C MET B 144 -4.94 4.77 23.39
N LYS B 145 -3.81 4.71 24.09
CA LYS B 145 -3.51 5.56 25.22
C LYS B 145 -2.39 6.52 24.81
N VAL B 146 -2.55 7.80 25.16
CA VAL B 146 -1.47 8.78 25.07
C VAL B 146 -1.13 9.21 26.50
N ASP B 147 0.15 9.12 26.86
CA ASP B 147 0.59 9.43 28.23
C ASP B 147 1.25 10.82 28.23
N GLU B 148 1.71 11.24 29.42
CA GLU B 148 2.10 12.63 29.71
C GLU B 148 3.13 13.14 28.71
N ASP B 149 4.02 12.25 28.26
CA ASP B 149 5.18 12.60 27.45
C ASP B 149 4.82 12.50 25.96
N TYR B 150 3.62 11.99 25.68
CA TYR B 150 3.03 11.93 24.33
C TYR B 150 3.40 10.61 23.63
N SER B 151 3.91 9.65 24.40
CA SER B 151 4.05 8.27 23.94
C SER B 151 2.65 7.68 23.73
N MET B 152 2.57 6.69 22.83
CA MET B 152 1.29 6.06 22.52
C MET B 152 1.46 4.53 22.56
N GLU B 153 0.45 3.86 23.15
CA GLU B 153 0.30 2.42 23.04
C GLU B 153 -1.05 2.12 22.37
N VAL B 154 -1.10 1.01 21.65
CA VAL B 154 -2.34 0.39 21.21
C VAL B 154 -2.73 -0.66 22.26
N LEU B 155 -3.94 -0.53 22.80
CA LEU B 155 -4.42 -1.36 23.87
C LEU B 155 -5.59 -2.23 23.39
N GLY B 156 -6.08 -1.94 22.19
CA GLY B 156 -7.14 -2.70 21.55
C GLY B 156 -7.19 -2.44 20.06
N GLU B 157 -7.47 -3.51 19.29
CA GLU B 157 -7.64 -3.40 17.85
C GLU B 157 -8.69 -4.43 17.41
N THR B 158 -9.13 -4.31 16.16
CA THR B 158 -10.03 -5.28 15.56
C THR B 158 -9.25 -6.58 15.28
N LEU B 159 -9.93 -7.71 15.41
CA LEU B 159 -9.34 -9.02 15.11
C LEU B 159 -9.82 -9.52 13.74
N ASP B 160 -10.57 -8.67 13.03
CA ASP B 160 -11.12 -9.04 11.74
C ASP B 160 -11.47 -7.76 10.95
N ASP B 161 -12.76 -7.41 10.94
CA ASP B 161 -13.28 -6.28 10.18
C ASP B 161 -13.30 -5.03 11.07
N SER B 162 -12.96 -3.88 10.47
CA SER B 162 -13.10 -2.58 11.12
C SER B 162 -14.58 -2.25 11.30
N ALA B 163 -14.87 -1.16 12.00
CA ALA B 163 -16.25 -0.71 12.25
C ALA B 163 -16.85 -0.17 10.96
N GLY B 164 -16.12 0.74 10.29
CA GLY B 164 -16.56 1.30 9.02
C GLY B 164 -16.88 0.22 8.01
N GLU B 165 -16.10 -0.86 8.06
CA GLU B 165 -16.22 -1.99 7.14
C GLU B 165 -17.51 -2.74 7.42
N ALA B 166 -17.88 -2.83 8.70
CA ALA B 166 -19.13 -3.45 9.12
C ALA B 166 -20.32 -2.66 8.55
N PHE B 167 -20.26 -1.33 8.67
CA PHE B 167 -21.30 -0.44 8.16
C PHE B 167 -21.41 -0.59 6.63
N ASP B 168 -20.28 -0.58 5.93
CA ASP B 168 -20.25 -0.62 4.47
C ASP B 168 -20.94 -1.89 3.97
N LYS B 169 -20.59 -3.03 4.58
CA LYS B 169 -20.99 -4.35 4.10
C LYS B 169 -22.45 -4.63 4.46
N VAL B 170 -22.86 -4.22 5.67
CA VAL B 170 -24.22 -4.43 6.14
C VAL B 170 -25.18 -3.56 5.30
N ALA B 171 -24.70 -2.38 4.91
CA ALA B 171 -25.47 -1.49 4.05
C ALA B 171 -25.71 -2.16 2.69
N ARG B 172 -24.69 -2.86 2.18
CA ARG B 172 -24.84 -3.63 0.94
C ARG B 172 -25.98 -4.65 1.14
N LEU B 173 -25.98 -5.33 2.29
CA LEU B 173 -26.97 -6.37 2.60
C LEU B 173 -28.38 -5.78 2.63
N LEU B 174 -28.50 -4.55 3.12
CA LEU B 174 -29.79 -3.87 3.27
C LEU B 174 -30.15 -3.14 1.96
N GLY B 175 -29.24 -3.22 0.98
CA GLY B 175 -29.42 -2.60 -0.34
C GLY B 175 -29.47 -1.08 -0.26
N LEU B 176 -28.53 -0.48 0.48
CA LEU B 176 -28.56 0.95 0.77
C LEU B 176 -27.43 1.68 0.01
N GLY B 177 -26.44 0.93 -0.46
CA GLY B 177 -25.33 1.49 -1.25
C GLY B 177 -24.12 1.85 -0.40
N TYR B 178 -23.29 2.75 -0.93
CA TYR B 178 -21.94 3.01 -0.43
C TYR B 178 -21.63 4.50 -0.56
N PRO B 179 -21.10 5.10 0.51
CA PRO B 179 -20.64 4.42 1.71
C PRO B 179 -21.79 4.05 2.66
N GLY B 180 -21.56 3.00 3.48
CA GLY B 180 -22.60 2.42 4.31
C GLY B 180 -22.92 3.27 5.53
N GLY B 181 -21.88 3.84 6.14
CA GLY B 181 -22.01 4.54 7.41
C GLY B 181 -23.11 5.60 7.34
N PRO B 182 -22.94 6.63 6.49
CA PRO B 182 -23.96 7.69 6.32
C PRO B 182 -25.39 7.21 6.07
N VAL B 183 -25.59 6.32 5.09
CA VAL B 183 -26.95 5.89 4.68
C VAL B 183 -27.64 5.19 5.85
N ILE B 184 -26.88 4.38 6.59
CA ILE B 184 -27.43 3.65 7.73
C ILE B 184 -27.80 4.65 8.83
N ASP B 185 -26.96 5.69 8.99
CA ASP B 185 -27.17 6.70 10.02
C ASP B 185 -28.50 7.41 9.75
N ARG B 186 -28.66 7.86 8.49
CA ARG B 186 -29.87 8.53 8.02
C ARG B 186 -31.09 7.61 8.23
N VAL B 187 -31.00 6.39 7.68
CA VAL B 187 -32.12 5.45 7.62
C VAL B 187 -32.50 4.98 9.04
N ALA B 188 -31.50 4.89 9.93
CA ALA B 188 -31.71 4.39 11.28
C ALA B 188 -32.56 5.38 12.09
N LYS B 189 -32.41 6.66 11.77
CA LYS B 189 -33.09 7.74 12.50
C LYS B 189 -34.58 7.38 12.66
N LYS B 190 -35.18 6.89 11.58
CA LYS B 190 -36.62 6.62 11.51
C LYS B 190 -36.88 5.14 11.81
N GLY B 191 -36.02 4.53 12.64
CA GLY B 191 -36.09 3.11 12.95
C GLY B 191 -36.04 2.85 14.44
N ASP B 192 -36.40 1.61 14.83
CA ASP B 192 -36.45 1.19 16.22
C ASP B 192 -35.16 0.43 16.55
N PRO B 193 -34.27 0.99 17.39
CA PRO B 193 -32.99 0.35 17.70
C PRO B 193 -33.09 -0.82 18.69
N GLU B 194 -34.28 -1.06 19.25
CA GLU B 194 -34.48 -2.12 20.25
C GLU B 194 -35.19 -3.32 19.60
N LYS B 195 -35.51 -3.20 18.31
CA LYS B 195 -36.40 -4.12 17.62
C LYS B 195 -35.78 -5.52 17.59
N TYR B 196 -34.52 -5.61 17.13
CA TYR B 196 -33.87 -6.90 16.92
C TYR B 196 -32.54 -6.96 17.68
N SER B 197 -32.19 -8.17 18.13
CA SER B 197 -30.91 -8.47 18.74
C SER B 197 -30.08 -9.28 17.74
N PHE B 198 -28.75 -9.18 17.86
CA PHE B 198 -27.84 -9.85 16.92
C PHE B 198 -26.85 -10.71 17.69
N PRO B 199 -27.29 -11.89 18.16
CA PRO B 199 -26.44 -12.76 18.98
C PRO B 199 -25.40 -13.51 18.14
N ARG B 200 -24.18 -13.62 18.67
CA ARG B 200 -23.09 -14.31 18.01
C ARG B 200 -22.00 -14.58 19.05
N PRO B 201 -21.09 -15.55 18.81
CA PRO B 201 -19.93 -15.74 19.68
C PRO B 201 -19.17 -14.42 19.90
N MET B 202 -19.44 -13.77 21.05
CA MET B 202 -18.77 -12.51 21.44
C MET B 202 -17.49 -12.85 22.21
N LEU B 203 -16.44 -12.06 21.98
CA LEU B 203 -15.12 -12.29 22.58
C LEU B 203 -15.07 -11.66 23.99
N ASP B 204 -13.89 -11.75 24.62
CA ASP B 204 -13.75 -11.71 26.09
C ASP B 204 -14.18 -10.34 26.65
N ASP B 205 -14.77 -10.36 27.84
CA ASP B 205 -15.23 -9.17 28.56
C ASP B 205 -14.05 -8.23 28.85
N ASP B 206 -12.95 -8.81 29.35
CA ASP B 206 -11.80 -8.05 29.82
C ASP B 206 -11.01 -7.50 28.62
N SER B 207 -11.05 -8.22 27.50
CA SER B 207 -10.33 -7.84 26.29
C SER B 207 -10.80 -6.46 25.83
N TYR B 208 -9.83 -5.62 25.41
CA TYR B 208 -10.09 -4.29 24.86
C TYR B 208 -10.11 -4.35 23.32
N ASN B 209 -10.15 -5.57 22.78
CA ASN B 209 -10.13 -5.79 21.33
C ASN B 209 -11.57 -5.80 20.80
N PHE B 210 -11.68 -5.73 19.46
CA PHE B 210 -12.96 -5.69 18.77
C PHE B 210 -13.06 -6.86 17.79
N SER B 211 -14.30 -7.28 17.52
CA SER B 211 -14.63 -8.24 16.47
C SER B 211 -16.00 -7.88 15.90
N PHE B 212 -16.08 -7.71 14.58
CA PHE B 212 -17.33 -7.28 13.92
C PHE B 212 -17.75 -8.29 12.84
N ALA B 213 -16.85 -9.18 12.44
CA ALA B 213 -17.12 -10.15 11.38
C ALA B 213 -18.42 -10.90 11.70
N GLY B 214 -18.56 -11.31 12.97
CA GLY B 214 -19.68 -12.14 13.41
C GLY B 214 -20.99 -11.38 13.46
N LEU B 215 -20.91 -10.06 13.65
CA LEU B 215 -22.09 -9.17 13.66
C LEU B 215 -22.60 -9.00 12.22
N LYS B 216 -21.64 -8.94 11.28
CA LYS B 216 -21.92 -8.87 9.85
C LYS B 216 -22.75 -10.08 9.41
N THR B 217 -22.29 -11.29 9.76
CA THR B 217 -22.92 -12.54 9.34
C THR B 217 -24.26 -12.75 10.08
N SER B 218 -24.31 -12.28 11.33
CA SER B 218 -25.50 -12.40 12.16
C SER B 218 -26.69 -11.72 11.46
N VAL B 219 -26.41 -10.56 10.84
CA VAL B 219 -27.41 -9.80 10.10
C VAL B 219 -27.78 -10.55 8.82
N LEU B 220 -26.78 -11.14 8.14
CA LEU B 220 -27.06 -11.98 6.99
C LEU B 220 -28.02 -13.10 7.41
N TYR B 221 -27.63 -13.85 8.45
CA TYR B 221 -28.44 -14.99 8.90
C TYR B 221 -29.88 -14.53 9.11
N PHE B 222 -30.03 -13.40 9.82
CA PHE B 222 -31.33 -12.80 10.11
C PHE B 222 -32.16 -12.64 8.83
N LEU B 223 -31.55 -12.07 7.79
CA LEU B 223 -32.27 -11.70 6.57
C LEU B 223 -32.82 -12.97 5.88
N GLN B 224 -32.06 -14.06 5.91
CA GLN B 224 -32.45 -15.30 5.23
C GLN B 224 -33.25 -16.21 6.16
N ARG B 225 -33.49 -15.76 7.40
CA ARG B 225 -34.27 -16.53 8.39
C ARG B 225 -35.66 -15.92 8.59
N GLU B 226 -35.68 -14.62 8.94
CA GLU B 226 -36.89 -13.93 9.38
C GLU B 226 -37.73 -13.50 8.18
N LYS B 227 -38.96 -13.07 8.45
CA LYS B 227 -39.92 -12.60 7.43
C LYS B 227 -40.47 -11.23 7.85
N GLY B 228 -40.58 -10.32 6.87
CA GLY B 228 -41.40 -9.11 6.98
C GLY B 228 -40.88 -8.10 7.99
N TYR B 229 -39.55 -7.95 8.04
CA TYR B 229 -38.89 -6.90 8.81
C TYR B 229 -38.88 -5.60 7.98
N LYS B 230 -38.43 -4.51 8.59
CA LYS B 230 -38.28 -3.21 7.92
C LYS B 230 -36.82 -2.74 8.02
N VAL B 231 -36.28 -2.22 6.92
CA VAL B 231 -34.87 -1.82 6.82
C VAL B 231 -34.52 -0.88 7.98
N GLU B 232 -35.39 0.11 8.22
CA GLU B 232 -35.15 1.11 9.25
C GLU B 232 -34.77 0.40 10.55
N ASP B 233 -35.55 -0.63 10.91
CA ASP B 233 -35.44 -1.32 12.19
C ASP B 233 -34.15 -2.14 12.25
N VAL B 234 -33.79 -2.78 11.14
CA VAL B 234 -32.58 -3.60 11.05
C VAL B 234 -31.35 -2.68 11.12
N ALA B 235 -31.38 -1.59 10.35
CA ALA B 235 -30.29 -0.62 10.33
C ALA B 235 -30.09 -0.05 11.73
N ALA B 236 -31.20 0.38 12.35
CA ALA B 236 -31.18 0.99 13.69
C ALA B 236 -30.63 0.00 14.71
N SER B 237 -31.08 -1.26 14.63
CA SER B 237 -30.75 -2.30 15.61
C SER B 237 -29.28 -2.70 15.46
N PHE B 238 -28.80 -2.78 14.21
CA PHE B 238 -27.40 -3.08 13.92
C PHE B 238 -26.51 -1.92 14.41
N GLN B 239 -26.93 -0.69 14.11
CA GLN B 239 -26.17 0.50 14.46
C GLN B 239 -25.98 0.54 15.98
N LYS B 240 -27.03 0.17 16.71
CA LYS B 240 -27.02 0.19 18.17
C LYS B 240 -25.96 -0.79 18.69
N ALA B 241 -25.92 -1.98 18.08
CA ALA B 241 -24.99 -3.03 18.48
C ALA B 241 -23.55 -2.53 18.36
N VAL B 242 -23.24 -1.88 17.23
CA VAL B 242 -21.87 -1.45 16.93
C VAL B 242 -21.43 -0.38 17.94
N VAL B 243 -22.22 0.67 18.12
CA VAL B 243 -21.76 1.79 18.96
C VAL B 243 -21.70 1.33 20.42
N ASP B 244 -22.58 0.39 20.79
CA ASP B 244 -22.62 -0.14 22.15
C ASP B 244 -21.28 -0.81 22.48
N ILE B 245 -20.77 -1.61 21.53
CA ILE B 245 -19.47 -2.28 21.66
C ILE B 245 -18.37 -1.21 21.85
N LEU B 246 -18.38 -0.19 20.99
CA LEU B 246 -17.30 0.79 20.89
C LEU B 246 -17.24 1.66 22.16
N VAL B 247 -18.40 2.04 22.67
CA VAL B 247 -18.50 2.99 23.77
C VAL B 247 -18.17 2.28 25.09
N GLU B 248 -18.72 1.08 25.28
CA GLU B 248 -18.48 0.30 26.49
C GLU B 248 -16.97 0.17 26.72
N LYS B 249 -16.26 -0.31 25.69
CA LYS B 249 -14.84 -0.66 25.81
C LYS B 249 -14.01 0.62 26.03
N THR B 250 -14.33 1.66 25.25
CA THR B 250 -13.55 2.90 25.26
C THR B 250 -13.60 3.54 26.64
N PHE B 251 -14.79 3.57 27.25
CA PHE B 251 -14.97 4.20 28.57
C PHE B 251 -14.38 3.29 29.66
N ARG B 252 -14.52 1.98 29.48
CA ARG B 252 -14.01 1.00 30.43
C ARG B 252 -12.49 1.14 30.53
N LEU B 253 -11.83 1.18 29.37
CA LEU B 253 -10.39 1.39 29.31
C LEU B 253 -10.02 2.64 30.11
N ALA B 254 -10.66 3.77 29.76
CA ALA B 254 -10.36 5.08 30.32
C ALA B 254 -10.50 5.06 31.84
N ARG B 255 -11.52 4.34 32.32
CA ARG B 255 -11.82 4.20 33.73
C ARG B 255 -10.67 3.46 34.42
N ASN B 256 -10.25 2.34 33.82
CA ASN B 256 -9.27 1.44 34.42
C ASN B 256 -7.87 2.07 34.38
N LEU B 257 -7.63 2.93 33.38
CA LEU B 257 -6.38 3.67 33.28
C LEU B 257 -6.47 4.95 34.11
N GLY B 258 -7.67 5.26 34.59
CA GLY B 258 -7.93 6.44 35.39
C GLY B 258 -7.75 7.73 34.60
N ILE B 259 -8.01 7.64 33.29
CA ILE B 259 -7.97 8.79 32.40
C ILE B 259 -9.36 9.42 32.36
N ARG B 260 -9.42 10.75 32.17
CA ARG B 260 -10.68 11.49 32.25
C ARG B 260 -10.96 12.23 30.93
N LYS B 261 -10.10 12.05 29.92
CA LYS B 261 -10.28 12.67 28.60
C LYS B 261 -10.27 11.57 27.52
N ILE B 262 -11.23 11.65 26.59
CA ILE B 262 -11.36 10.67 25.52
C ILE B 262 -11.60 11.39 24.18
N ALA B 263 -10.95 10.90 23.13
CA ALA B 263 -11.04 11.47 21.79
C ALA B 263 -11.48 10.40 20.79
N PHE B 264 -12.28 10.80 19.82
CA PHE B 264 -12.79 9.92 18.77
C PHE B 264 -12.46 10.49 17.39
N VAL B 265 -11.77 9.69 16.57
CA VAL B 265 -11.25 10.12 15.27
C VAL B 265 -11.61 9.05 14.23
N GLY B 266 -12.00 9.51 13.04
CA GLY B 266 -12.26 8.61 11.91
C GLY B 266 -13.72 8.66 11.49
N GLY B 267 -13.99 8.14 10.29
CA GLY B 267 -15.30 8.23 9.66
C GLY B 267 -16.44 7.92 10.62
N VAL B 268 -16.30 6.82 11.35
CA VAL B 268 -17.38 6.24 12.14
C VAL B 268 -17.70 7.15 13.33
N ALA B 269 -16.72 7.97 13.72
CA ALA B 269 -16.88 8.90 14.83
C ALA B 269 -17.92 9.97 14.50
N ALA B 270 -18.29 10.07 13.21
CA ALA B 270 -19.30 11.03 12.74
C ALA B 270 -20.70 10.59 13.16
N ASN B 271 -20.85 9.28 13.43
CA ASN B 271 -22.14 8.63 13.64
C ASN B 271 -22.92 9.36 14.73
N SER B 272 -24.19 9.70 14.44
CA SER B 272 -24.98 10.56 15.32
C SER B 272 -25.36 9.82 16.60
N MET B 273 -25.61 8.51 16.49
CA MET B 273 -26.01 7.69 17.64
C MET B 273 -24.80 7.48 18.56
N LEU B 274 -23.62 7.27 17.97
CA LEU B 274 -22.39 7.12 18.74
C LEU B 274 -22.18 8.38 19.58
N ARG B 275 -22.32 9.55 18.94
CA ARG B 275 -22.02 10.83 19.57
C ARG B 275 -22.96 11.03 20.77
N GLU B 276 -24.23 10.67 20.61
CA GLU B 276 -25.20 10.80 21.69
C GLU B 276 -24.77 9.92 22.87
N GLU B 277 -24.59 8.63 22.59
CA GLU B 277 -24.22 7.66 23.62
C GLU B 277 -22.97 8.16 24.35
N VAL B 278 -22.00 8.71 23.60
CA VAL B 278 -20.73 9.16 24.18
C VAL B 278 -20.99 10.34 25.13
N ARG B 279 -21.85 11.27 24.72
CA ARG B 279 -22.09 12.48 25.51
C ARG B 279 -22.84 12.13 26.81
N LYS B 280 -23.80 11.21 26.70
CA LYS B 280 -24.54 10.68 27.87
C LYS B 280 -23.53 10.21 28.93
N ARG B 281 -22.64 9.29 28.56
CA ARG B 281 -21.73 8.66 29.49
C ARG B 281 -20.71 9.70 29.98
N ALA B 282 -20.27 10.57 29.07
CA ALA B 282 -19.37 11.66 29.40
C ALA B 282 -19.96 12.50 30.53
N GLU B 283 -21.24 12.85 30.39
CA GLU B 283 -21.93 13.68 31.37
C GLU B 283 -21.97 12.96 32.72
N ARG B 284 -22.34 11.68 32.67
CA ARG B 284 -22.67 10.89 33.86
C ARG B 284 -21.43 10.65 34.71
N TRP B 285 -20.31 10.32 34.07
CA TRP B 285 -19.10 9.92 34.77
C TRP B 285 -18.05 11.04 34.73
N ASN B 286 -18.43 12.18 34.15
CA ASN B 286 -17.66 13.41 34.25
C ASN B 286 -16.36 13.27 33.46
N TYR B 287 -16.48 12.98 32.16
CA TYR B 287 -15.35 12.90 31.22
C TYR B 287 -15.41 14.07 30.23
N GLU B 288 -14.22 14.58 29.86
CA GLU B 288 -14.05 15.44 28.67
C GLU B 288 -13.94 14.54 27.44
N VAL B 289 -14.64 14.89 26.36
CA VAL B 289 -14.56 14.14 25.10
C VAL B 289 -14.34 15.10 23.94
N PHE B 290 -13.62 14.63 22.92
CA PHE B 290 -13.20 15.43 21.80
C PHE B 290 -13.50 14.68 20.50
N PHE B 291 -14.17 15.39 19.58
CA PHE B 291 -14.49 14.91 18.24
C PHE B 291 -13.90 15.89 17.22
N PRO B 292 -12.63 15.72 16.81
CA PRO B 292 -12.04 16.59 15.79
C PRO B 292 -12.89 16.78 14.54
N PRO B 293 -12.66 17.86 13.77
CA PRO B 293 -13.35 18.09 12.51
C PRO B 293 -12.99 16.99 11.50
N LEU B 294 -13.80 16.83 10.46
CA LEU B 294 -13.81 15.63 9.65
C LEU B 294 -12.66 15.64 8.64
N GLU B 295 -12.21 16.84 8.23
CA GLU B 295 -11.20 16.97 7.18
C GLU B 295 -9.81 16.70 7.77
N LEU B 296 -9.75 16.56 9.10
CA LEU B 296 -8.51 16.21 9.83
C LEU B 296 -8.43 14.70 10.07
N CYS B 297 -9.60 14.04 10.10
CA CYS B 297 -9.69 12.64 10.47
C CYS B 297 -9.37 11.74 9.27
N THR B 298 -9.65 12.23 8.06
CA THR B 298 -9.33 11.50 6.82
C THR B 298 -7.84 11.68 6.50
N ASP B 299 -7.29 10.71 5.76
CA ASP B 299 -5.87 10.68 5.45
C ASP B 299 -5.46 12.01 4.83
N ASN B 300 -4.36 12.59 5.35
CA ASN B 300 -3.82 13.86 4.89
C ASN B 300 -2.42 14.04 5.50
N ALA B 301 -1.67 15.01 4.96
CA ALA B 301 -0.24 15.18 5.24
C ALA B 301 -0.04 16.16 6.41
N LEU B 302 -1.13 16.81 6.84
CA LEU B 302 -1.06 17.79 7.92
C LEU B 302 -0.74 17.06 9.23
N MET B 303 -1.46 15.98 9.49
CA MET B 303 -1.26 15.19 10.70
C MET B 303 0.17 14.66 10.72
N VAL B 304 0.72 14.38 9.54
CA VAL B 304 2.09 13.92 9.38
C VAL B 304 3.05 15.05 9.76
N ALA B 305 2.81 16.24 9.21
CA ALA B 305 3.65 17.40 9.46
C ALA B 305 3.64 17.74 10.96
N LYS B 306 2.46 17.64 11.58
CA LYS B 306 2.32 17.87 13.02
C LYS B 306 3.15 16.82 13.79
N ALA B 307 2.91 15.55 13.46
CA ALA B 307 3.64 14.43 14.06
C ALA B 307 5.15 14.67 13.92
N GLY B 308 5.56 15.16 12.75
CA GLY B 308 6.96 15.45 12.45
C GLY B 308 7.51 16.59 13.28
N TYR B 309 6.74 17.68 13.38
CA TYR B 309 7.15 18.86 14.13
C TYR B 309 7.44 18.45 15.58
N GLU B 310 6.59 17.57 16.13
CA GLU B 310 6.64 17.21 17.56
C GLU B 310 7.85 16.33 17.84
N LYS B 311 8.18 15.45 16.89
CA LYS B 311 9.36 14.60 17.00
C LYS B 311 10.62 15.45 16.83
N ALA B 312 10.56 16.44 15.93
CA ALA B 312 11.71 17.28 15.62
C ALA B 312 12.06 18.17 16.82
N LYS B 313 11.02 18.71 17.47
CA LYS B 313 11.18 19.52 18.68
C LYS B 313 11.98 18.71 19.71
N ARG B 314 11.75 17.39 19.73
CA ARG B 314 12.33 16.49 20.72
C ARG B 314 13.61 15.85 20.16
N GLY B 315 14.00 16.25 18.94
CA GLY B 315 15.25 15.82 18.30
C GLY B 315 15.24 14.33 17.94
N MET B 316 14.05 13.77 17.75
CA MET B 316 13.87 12.35 17.42
C MET B 316 13.81 12.18 15.90
N PHE B 317 14.96 12.32 15.24
CA PHE B 317 15.06 12.31 13.79
C PHE B 317 15.36 10.89 13.30
N SER B 318 15.07 10.64 12.01
CA SER B 318 15.22 9.34 11.40
C SER B 318 16.43 9.32 10.49
N PRO B 319 17.10 8.16 10.34
CA PRO B 319 18.24 8.03 9.42
C PRO B 319 17.75 7.88 7.98
N LEU B 320 18.66 8.06 7.01
CA LEU B 320 18.32 7.97 5.60
C LEU B 320 18.15 6.49 5.19
N SER B 321 18.45 5.57 6.11
CA SER B 321 18.41 4.14 5.83
C SER B 321 17.02 3.56 6.14
N LEU B 322 16.12 4.40 6.67
CA LEU B 322 14.81 3.94 7.17
C LEU B 322 14.02 3.29 6.04
N ASN B 323 13.69 2.01 6.21
CA ASN B 323 12.86 1.27 5.26
C ASN B 323 11.39 1.45 5.67
N ALA B 324 10.51 1.36 4.67
CA ALA B 324 9.08 1.29 4.91
C ALA B 324 8.74 -0.05 5.57
N ASP B 325 7.85 -0.01 6.56
CA ASP B 325 7.40 -1.19 7.29
C ASP B 325 5.87 -1.26 7.20
N PRO B 326 5.32 -2.17 6.36
CA PRO B 326 3.87 -2.29 6.21
C PRO B 326 3.16 -2.69 7.51
N ASN B 327 3.93 -3.24 8.47
CA ASN B 327 3.37 -3.77 9.71
C ASN B 327 3.88 -2.97 10.92
N LEU B 328 4.35 -1.75 10.67
CA LEU B 328 4.82 -0.88 11.74
C LEU B 328 3.84 -0.95 12.91
N ASN B 329 4.39 -1.16 14.11
CA ASN B 329 3.62 -1.23 15.35
C ASN B 329 3.96 0.00 16.21
N VAL B 330 2.93 0.72 16.64
CA VAL B 330 3.07 1.82 17.59
C VAL B 330 3.32 1.22 18.98
N ALA C 1 -6.99 -29.90 -17.60
CA ALA C 1 -8.10 -30.35 -16.70
C ALA C 1 -7.65 -30.25 -15.23
N SER C 2 -8.60 -29.94 -14.36
CA SER C 2 -8.33 -29.64 -12.96
C SER C 2 -9.21 -30.52 -12.06
N ARG C 3 -8.67 -30.90 -10.90
CA ARG C 3 -9.28 -31.90 -10.02
C ARG C 3 -10.08 -31.20 -8.91
N HIS C 4 -11.36 -31.59 -8.78
CA HIS C 4 -12.31 -30.95 -7.84
C HIS C 4 -12.42 -31.76 -6.54
N LEU C 5 -12.33 -31.07 -5.40
CA LEU C 5 -12.45 -31.69 -4.08
C LEU C 5 -13.50 -30.95 -3.24
N ARG C 6 -14.55 -31.67 -2.84
CA ARG C 6 -15.64 -31.11 -2.05
C ARG C 6 -15.51 -31.58 -0.59
N PHE C 7 -15.67 -30.62 0.34
CA PHE C 7 -15.79 -30.89 1.76
C PHE C 7 -17.14 -30.32 2.25
N GLU C 8 -18.00 -31.21 2.73
CA GLU C 8 -19.36 -30.85 3.13
C GLU C 8 -19.42 -30.65 4.65
N ASN C 9 -20.08 -29.56 5.05
CA ASN C 9 -20.63 -29.39 6.39
C ASN C 9 -19.49 -29.29 7.42
N LEU C 10 -18.54 -28.40 7.16
CA LEU C 10 -17.40 -28.17 8.05
C LEU C 10 -17.78 -27.11 9.10
N THR C 11 -17.49 -27.40 10.37
CA THR C 11 -17.46 -26.39 11.44
C THR C 11 -16.36 -25.37 11.12
N GLU C 12 -16.27 -24.33 11.96
CA GLU C 12 -15.31 -23.27 11.76
C GLU C 12 -13.89 -23.79 12.04
N GLU C 13 -13.75 -24.60 13.09
CA GLU C 13 -12.46 -25.18 13.45
C GLU C 13 -12.00 -26.11 12.32
N GLN C 14 -12.94 -26.87 11.75
CA GLN C 14 -12.63 -27.83 10.68
C GLN C 14 -12.18 -27.09 9.42
N LEU C 15 -12.82 -25.96 9.12
CA LEU C 15 -12.50 -25.17 7.94
C LEU C 15 -11.07 -24.62 8.07
N LYS C 16 -10.68 -24.26 9.30
CA LYS C 16 -9.37 -23.68 9.56
C LYS C 16 -8.30 -24.77 9.43
N ARG C 17 -8.58 -25.96 9.96
CA ARG C 17 -7.66 -27.10 9.89
C ARG C 17 -7.39 -27.44 8.43
N LEU C 18 -8.43 -27.36 7.61
CA LEU C 18 -8.33 -27.66 6.18
C LEU C 18 -7.43 -26.63 5.49
N ALA C 19 -7.53 -25.37 5.92
CA ALA C 19 -6.74 -24.28 5.34
C ALA C 19 -5.27 -24.46 5.74
N LYS C 20 -5.04 -24.93 6.96
CA LYS C 20 -3.70 -25.19 7.47
C LYS C 20 -3.04 -26.28 6.63
N ILE C 21 -3.76 -27.38 6.38
CA ILE C 21 -3.22 -28.54 5.65
C ILE C 21 -2.82 -28.11 4.22
N LEU C 22 -3.68 -27.30 3.59
CA LEU C 22 -3.42 -26.79 2.24
C LEU C 22 -2.08 -26.03 2.22
N THR C 23 -1.90 -25.13 3.19
CA THR C 23 -0.85 -24.11 3.19
C THR C 23 0.50 -24.73 3.60
N GLU C 24 0.47 -25.60 4.61
CA GLU C 24 1.62 -26.43 5.02
C GLU C 24 2.41 -26.92 3.80
N ASN C 25 1.67 -27.37 2.78
CA ASN C 25 2.19 -28.17 1.69
C ASN C 25 2.50 -27.29 0.47
N LEU C 26 2.37 -25.97 0.61
CA LEU C 26 2.67 -25.04 -0.49
C LEU C 26 4.18 -24.74 -0.48
N LYS C 27 4.78 -24.81 -1.67
CA LYS C 27 6.23 -24.76 -1.87
C LYS C 27 6.74 -23.30 -1.85
N GLY C 28 5.89 -22.40 -2.35
CA GLY C 28 6.26 -21.01 -2.61
C GLY C 28 5.94 -20.62 -4.04
N GLY C 29 5.40 -19.40 -4.19
CA GLY C 29 5.06 -18.84 -5.50
C GLY C 29 3.69 -19.27 -5.97
N GLU C 30 2.83 -19.66 -5.02
CA GLU C 30 1.50 -20.16 -5.32
C GLU C 30 0.47 -19.05 -5.12
N VAL C 31 -0.66 -19.18 -5.83
CA VAL C 31 -1.79 -18.28 -5.72
C VAL C 31 -3.02 -19.09 -5.31
N VAL C 32 -3.74 -18.58 -4.30
CA VAL C 32 -5.00 -19.15 -3.86
C VAL C 32 -6.10 -18.09 -4.07
N ILE C 33 -7.09 -18.42 -4.90
CA ILE C 33 -8.23 -17.56 -5.18
C ILE C 33 -9.39 -17.96 -4.26
N LEU C 34 -9.63 -17.13 -3.23
CA LEU C 34 -10.71 -17.36 -2.27
C LEU C 34 -12.01 -16.76 -2.82
N SER C 35 -12.97 -17.64 -3.11
CA SER C 35 -14.29 -17.25 -3.60
C SER C 35 -15.35 -17.54 -2.52
N GLY C 36 -16.41 -16.74 -2.53
CA GLY C 36 -17.53 -16.96 -1.64
C GLY C 36 -18.23 -15.65 -1.31
N ASN C 37 -19.52 -15.75 -1.01
CA ASN C 37 -20.34 -14.59 -0.70
C ASN C 37 -19.87 -13.93 0.58
N LEU C 38 -20.27 -12.67 0.73
CA LEU C 38 -20.24 -11.95 1.99
C LEU C 38 -20.59 -12.92 3.13
N GLY C 39 -19.64 -13.14 4.04
CA GLY C 39 -19.86 -13.88 5.28
C GLY C 39 -19.60 -15.38 5.16
N ALA C 40 -19.07 -15.80 4.01
CA ALA C 40 -18.86 -17.22 3.72
C ALA C 40 -17.72 -17.78 4.59
N GLY C 41 -16.68 -16.97 4.78
CA GLY C 41 -15.60 -17.27 5.72
C GLY C 41 -14.23 -17.22 5.06
N LYS C 42 -14.09 -16.36 4.06
CA LYS C 42 -12.85 -16.20 3.32
C LYS C 42 -11.75 -15.73 4.28
N THR C 43 -12.03 -14.68 5.05
CA THR C 43 -11.04 -14.12 5.98
C THR C 43 -10.75 -15.13 7.09
N THR C 44 -11.77 -15.91 7.47
CA THR C 44 -11.65 -16.93 8.49
C THR C 44 -10.74 -18.06 7.97
N PHE C 45 -10.85 -18.35 6.66
CA PHE C 45 -10.05 -19.37 6.02
C PHE C 45 -8.55 -19.00 6.13
N VAL C 46 -8.24 -17.72 5.93
CA VAL C 46 -6.86 -17.22 5.94
C VAL C 46 -6.30 -17.31 7.37
N LYS C 47 -7.19 -17.17 8.37
CA LYS C 47 -6.83 -17.34 9.77
C LYS C 47 -6.38 -18.80 10.00
N GLY C 48 -6.94 -19.72 9.21
CA GLY C 48 -6.50 -21.10 9.19
C GLY C 48 -5.13 -21.24 8.56
N MET C 49 -4.93 -20.58 7.42
CA MET C 49 -3.74 -20.74 6.60
C MET C 49 -2.49 -20.34 7.39
N ILE C 50 -2.64 -19.31 8.24
CA ILE C 50 -1.49 -18.65 8.86
C ILE C 50 -0.92 -19.54 9.98
N ARG C 51 -1.71 -20.49 10.46
CA ARG C 51 -1.22 -21.50 11.39
C ARG C 51 0.05 -22.13 10.80
N ALA C 52 0.06 -22.30 9.48
CA ALA C 52 1.06 -23.09 8.76
C ALA C 52 2.38 -22.32 8.60
N ILE C 53 2.38 -21.02 8.89
CA ILE C 53 3.60 -20.22 8.76
C ILE C 53 4.04 -19.73 10.15
N GLY C 54 3.36 -20.21 11.19
CA GLY C 54 3.84 -20.12 12.57
C GLY C 54 3.53 -18.78 13.22
N LEU C 55 2.34 -18.24 12.91
CA LEU C 55 1.86 -17.00 13.50
C LEU C 55 0.48 -17.23 14.12
N ASP C 56 0.04 -16.27 14.93
CA ASP C 56 -1.26 -16.30 15.58
C ASP C 56 -2.30 -15.72 14.61
N GLU C 57 -3.56 -16.18 14.77
CA GLU C 57 -4.68 -15.75 13.95
C GLU C 57 -4.92 -14.24 14.16
N LYS C 58 -4.45 -13.72 15.31
CA LYS C 58 -4.60 -12.31 15.69
C LYS C 58 -4.10 -11.39 14.57
N MET C 59 -3.11 -11.88 13.81
CA MET C 59 -2.38 -11.07 12.86
C MET C 59 -3.21 -10.88 11.57
N VAL C 60 -4.14 -11.81 11.33
CA VAL C 60 -4.95 -11.81 10.12
C VAL C 60 -6.12 -10.85 10.29
N LYS C 61 -6.10 -9.75 9.54
CA LYS C 61 -7.19 -8.79 9.48
C LYS C 61 -7.85 -8.84 8.10
N SER C 62 -9.05 -8.27 8.00
CA SER C 62 -9.68 -8.00 6.72
C SER C 62 -8.83 -7.01 5.94
N PRO C 63 -8.42 -7.34 4.69
CA PRO C 63 -7.74 -6.39 3.82
C PRO C 63 -8.67 -5.57 2.91
N THR C 64 -9.96 -5.47 3.29
CA THR C 64 -10.96 -4.80 2.46
C THR C 64 -10.49 -3.37 2.14
N PHE C 65 -9.97 -2.67 3.14
CA PHE C 65 -9.50 -1.30 2.99
C PHE C 65 -8.01 -1.27 2.64
N THR C 66 -7.19 -2.03 3.39
CA THR C 66 -5.73 -2.03 3.21
C THR C 66 -5.36 -2.60 1.83
N LEU C 67 -6.25 -3.43 1.27
CA LEU C 67 -6.11 -3.98 -0.09
C LEU C 67 -5.21 -5.22 -0.07
N MET C 68 -4.05 -5.09 0.58
CA MET C 68 -3.12 -6.21 0.76
C MET C 68 -2.45 -6.10 2.13
N ASN C 69 -2.51 -7.20 2.89
CA ASN C 69 -1.80 -7.37 4.16
C ASN C 69 -0.62 -8.33 3.92
N VAL C 70 0.49 -8.09 4.63
CA VAL C 70 1.66 -8.95 4.56
C VAL C 70 1.82 -9.67 5.91
N TYR C 71 1.85 -11.01 5.88
CA TYR C 71 2.13 -11.81 7.06
C TYR C 71 3.46 -12.54 6.84
N PRO C 72 4.56 -12.06 7.46
CA PRO C 72 5.88 -12.67 7.28
C PRO C 72 6.15 -13.76 8.33
N GLY C 73 5.86 -15.01 7.96
CA GLY C 73 6.13 -16.16 8.80
C GLY C 73 7.31 -16.96 8.27
N LEU C 74 7.20 -18.29 8.37
CA LEU C 74 8.20 -19.23 7.86
C LEU C 74 8.24 -19.14 6.33
N LYS C 75 7.07 -18.86 5.75
CA LYS C 75 6.94 -18.25 4.43
C LYS C 75 6.08 -17.00 4.60
N THR C 76 6.12 -16.10 3.61
CA THR C 76 5.33 -14.87 3.64
C THR C 76 4.00 -15.10 2.93
N ILE C 77 2.90 -14.78 3.61
CA ILE C 77 1.58 -14.75 3.00
C ILE C 77 1.23 -13.31 2.65
N TYR C 78 0.89 -13.10 1.38
CA TYR C 78 0.28 -11.86 0.90
C TYR C 78 -1.23 -12.09 0.79
N HIS C 79 -1.98 -11.31 1.59
CA HIS C 79 -3.43 -11.50 1.76
C HIS C 79 -4.18 -10.32 1.14
N LEU C 80 -4.75 -10.53 -0.05
CA LEU C 80 -5.42 -9.47 -0.79
C LEU C 80 -6.94 -9.62 -0.64
N ASP C 81 -7.63 -8.48 -0.78
CA ASP C 81 -9.08 -8.42 -0.93
C ASP C 81 -9.40 -7.35 -1.98
N LEU C 82 -10.13 -7.75 -3.03
CA LEU C 82 -10.35 -6.88 -4.19
C LEU C 82 -11.79 -6.39 -4.24
N TYR C 83 -12.53 -6.60 -3.14
CA TYR C 83 -13.91 -6.16 -2.95
C TYR C 83 -14.10 -4.76 -3.55
N ARG C 84 -13.40 -3.77 -2.99
CA ARG C 84 -13.70 -2.37 -3.21
C ARG C 84 -12.86 -1.79 -4.36
N LEU C 85 -12.24 -2.66 -5.16
CA LEU C 85 -11.36 -2.24 -6.25
C LEU C 85 -12.20 -1.84 -7.47
N GLN C 86 -12.05 -0.57 -7.88
CA GLN C 86 -12.86 0.02 -8.95
C GLN C 86 -12.10 -0.04 -10.29
N ASP C 87 -10.81 0.29 -10.24
CA ASP C 87 -9.96 0.40 -11.44
C ASP C 87 -9.56 -1.02 -11.91
N THR C 88 -8.41 -1.12 -12.57
CA THR C 88 -7.76 -2.40 -12.84
C THR C 88 -6.25 -2.25 -12.62
N ASP C 89 -5.82 -1.01 -12.35
CA ASP C 89 -4.42 -0.61 -12.41
C ASP C 89 -3.62 -1.31 -11.30
N PHE C 90 -4.27 -1.55 -10.15
CA PHE C 90 -3.60 -2.07 -8.97
C PHE C 90 -3.19 -3.53 -9.20
N LEU C 91 -3.99 -4.26 -9.99
CA LEU C 91 -3.67 -5.62 -10.41
C LEU C 91 -2.46 -5.58 -11.36
N SER C 92 -2.54 -4.70 -12.37
CA SER C 92 -1.57 -4.64 -13.46
C SER C 92 -0.16 -4.39 -12.93
N LEU C 93 -0.05 -3.61 -11.84
CA LEU C 93 1.23 -3.16 -11.30
C LEU C 93 1.59 -3.93 -10.03
N ASP C 94 0.90 -3.60 -8.92
CA ASP C 94 1.31 -3.97 -7.57
C ASP C 94 1.22 -5.49 -7.41
N VAL C 95 0.09 -6.08 -7.83
CA VAL C 95 -0.17 -7.51 -7.67
C VAL C 95 0.74 -8.30 -8.61
N GLU C 96 0.86 -7.81 -9.86
CA GLU C 96 1.74 -8.40 -10.86
C GLU C 96 3.16 -8.53 -10.29
N ASP C 97 3.57 -7.53 -9.48
CA ASP C 97 4.93 -7.47 -8.90
C ASP C 97 5.15 -8.66 -7.95
N ILE C 98 4.09 -9.04 -7.23
CA ILE C 98 4.15 -10.07 -6.20
C ILE C 98 4.02 -11.46 -6.85
N LEU C 99 3.40 -11.51 -8.03
CA LEU C 99 3.30 -12.76 -8.79
C LEU C 99 4.70 -13.18 -9.26
N GLU C 100 5.68 -12.28 -9.10
CA GLU C 100 7.06 -12.55 -9.48
C GLU C 100 7.87 -12.93 -8.23
N ASP C 101 7.21 -12.89 -7.06
CA ASP C 101 7.73 -13.47 -5.82
C ASP C 101 7.47 -14.97 -5.83
N GLU C 102 8.54 -15.76 -5.92
CA GLU C 102 8.44 -17.21 -6.10
C GLU C 102 8.71 -17.93 -4.78
N ASP C 103 8.61 -17.18 -3.66
CA ASP C 103 8.86 -17.70 -2.32
C ASP C 103 7.62 -17.53 -1.45
N GLY C 104 6.75 -16.58 -1.82
CA GLY C 104 5.59 -16.21 -1.02
C GLY C 104 4.34 -16.97 -1.41
N ILE C 105 3.31 -16.88 -0.56
CA ILE C 105 1.99 -17.42 -0.85
C ILE C 105 1.00 -16.27 -0.92
N MET C 106 0.38 -16.09 -2.08
CA MET C 106 -0.63 -15.08 -2.30
C MET C 106 -2.02 -15.71 -2.15
N VAL C 107 -2.86 -15.11 -1.30
CA VAL C 107 -4.25 -15.51 -1.18
C VAL C 107 -5.12 -14.25 -1.38
N VAL C 108 -6.15 -14.38 -2.23
CA VAL C 108 -6.89 -13.24 -2.77
C VAL C 108 -8.39 -13.45 -2.56
N GLU C 109 -8.95 -12.69 -1.61
CA GLU C 109 -10.40 -12.62 -1.40
C GLU C 109 -11.03 -11.89 -2.59
N TRP C 110 -12.13 -12.45 -3.12
CA TRP C 110 -12.89 -11.87 -4.22
C TRP C 110 -12.05 -11.85 -5.50
N GLY C 111 -11.12 -12.80 -5.62
CA GLY C 111 -10.26 -12.91 -6.80
C GLY C 111 -11.07 -13.17 -8.06
N ASP C 112 -12.23 -13.82 -7.88
CA ASP C 112 -13.08 -14.27 -8.99
C ASP C 112 -13.70 -13.08 -9.73
N LEU C 113 -13.64 -11.89 -9.13
CA LEU C 113 -14.14 -10.65 -9.76
C LEU C 113 -13.28 -10.29 -10.99
N PHE C 114 -12.04 -10.78 -11.01
CA PHE C 114 -11.10 -10.52 -12.09
C PHE C 114 -10.54 -11.85 -12.61
N ASP C 115 -11.44 -12.75 -13.03
CA ASP C 115 -11.14 -14.17 -13.15
C ASP C 115 -10.04 -14.40 -14.20
N GLY C 116 -9.98 -13.53 -15.21
CA GLY C 116 -9.09 -13.71 -16.36
C GLY C 116 -7.63 -13.47 -16.01
N PHE C 117 -7.38 -12.75 -14.92
CA PHE C 117 -6.08 -12.17 -14.62
C PHE C 117 -5.11 -13.24 -14.10
N TRP C 118 -5.64 -14.28 -13.45
CA TRP C 118 -4.84 -15.19 -12.63
C TRP C 118 -4.20 -16.27 -13.47
N PRO C 119 -3.00 -16.75 -13.09
CA PRO C 119 -2.34 -17.84 -13.81
C PRO C 119 -3.17 -19.12 -13.76
N GLU C 120 -2.88 -20.06 -14.67
CA GLU C 120 -3.69 -21.26 -14.85
C GLU C 120 -3.47 -22.24 -13.70
N ASP C 121 -2.29 -22.13 -13.05
CA ASP C 121 -1.89 -23.05 -11.98
C ASP C 121 -2.43 -22.55 -10.63
N SER C 122 -3.27 -21.51 -10.67
CA SER C 122 -3.90 -20.95 -9.46
C SER C 122 -4.83 -21.98 -8.82
N ILE C 123 -4.79 -22.02 -7.49
CA ILE C 123 -5.67 -22.85 -6.69
C ILE C 123 -6.93 -22.03 -6.36
N LYS C 124 -8.10 -22.60 -6.67
CA LYS C 124 -9.38 -21.94 -6.43
C LYS C 124 -10.06 -22.61 -5.23
N VAL C 125 -10.56 -21.79 -4.30
CA VAL C 125 -11.24 -22.24 -3.08
C VAL C 125 -12.58 -21.50 -2.95
N LYS C 126 -13.67 -22.26 -3.03
CA LYS C 126 -15.02 -21.71 -3.04
C LYS C 126 -15.73 -22.16 -1.76
N ILE C 127 -16.21 -21.18 -0.98
CA ILE C 127 -16.83 -21.42 0.30
C ILE C 127 -18.31 -21.05 0.21
N GLU C 128 -19.18 -22.02 0.55
CA GLU C 128 -20.63 -21.81 0.59
C GLU C 128 -21.11 -21.88 2.04
N ILE C 129 -22.14 -21.07 2.35
CA ILE C 129 -22.81 -21.09 3.64
C ILE C 129 -23.78 -22.28 3.64
N ALA C 130 -23.58 -23.22 4.57
CA ALA C 130 -24.44 -24.42 4.67
C ALA C 130 -25.56 -24.15 5.67
N ASP C 131 -25.18 -23.79 6.91
CA ASP C 131 -26.11 -23.25 7.90
C ASP C 131 -25.37 -22.17 8.70
N GLU C 132 -25.85 -21.89 9.91
CA GLU C 132 -25.39 -20.74 10.68
C GLU C 132 -24.01 -21.03 11.28
N SER C 133 -23.60 -22.30 11.29
CA SER C 133 -22.35 -22.71 11.94
C SER C 133 -21.60 -23.79 11.14
N HIS C 134 -21.96 -23.95 9.85
CA HIS C 134 -21.28 -24.91 8.97
C HIS C 134 -21.11 -24.31 7.57
N ARG C 135 -20.01 -24.68 6.90
CA ARG C 135 -19.70 -24.24 5.55
C ARG C 135 -19.31 -25.45 4.70
N ASN C 136 -19.58 -25.37 3.40
CA ASN C 136 -19.07 -26.31 2.42
C ASN C 136 -17.92 -25.64 1.67
N VAL C 137 -16.92 -26.42 1.29
CA VAL C 137 -15.70 -25.91 0.69
C VAL C 137 -15.36 -26.77 -0.53
N GLU C 138 -15.17 -26.12 -1.68
CA GLU C 138 -14.71 -26.80 -2.87
C GLU C 138 -13.35 -26.21 -3.27
N ILE C 139 -12.39 -27.10 -3.54
CA ILE C 139 -11.03 -26.74 -3.91
C ILE C 139 -10.73 -27.34 -5.28
N LEU C 140 -10.28 -26.49 -6.21
CA LEU C 140 -9.84 -26.94 -7.53
C LEU C 140 -8.31 -26.89 -7.56
N ILE C 141 -7.68 -28.06 -7.76
CA ILE C 141 -6.24 -28.16 -7.90
C ILE C 141 -5.91 -28.42 -9.37
N PRO C 142 -5.25 -27.47 -10.06
CA PRO C 142 -4.71 -27.70 -11.39
C PRO C 142 -3.64 -28.80 -11.42
N GLU C 143 -3.50 -29.46 -12.57
CA GLU C 143 -2.57 -30.56 -12.79
C GLU C 143 -1.15 -30.13 -12.41
N GLU C 144 -0.80 -28.86 -12.71
CA GLU C 144 0.57 -28.36 -12.55
C GLU C 144 1.03 -28.56 -11.09
N VAL C 145 0.08 -28.59 -10.16
CA VAL C 145 0.36 -28.54 -8.73
C VAL C 145 -0.40 -29.69 -8.06
N ASN C 146 -0.38 -30.86 -8.73
CA ASN C 146 -1.34 -31.94 -8.51
C ASN C 146 -0.99 -32.73 -7.25
N PHE C 147 0.20 -32.50 -6.70
CA PHE C 147 0.70 -33.23 -5.54
C PHE C 147 -0.13 -32.91 -4.30
N LEU C 148 -0.87 -31.79 -4.34
CA LEU C 148 -1.67 -31.31 -3.21
C LEU C 148 -2.86 -32.23 -2.95
N VAL C 149 -3.29 -32.96 -3.98
CA VAL C 149 -4.54 -33.70 -3.93
C VAL C 149 -4.47 -34.74 -2.81
N GLU C 150 -3.38 -35.51 -2.79
CA GLU C 150 -3.21 -36.60 -1.83
C GLU C 150 -3.16 -36.01 -0.40
N LYS C 151 -2.52 -34.84 -0.26
CA LYS C 151 -2.33 -34.19 1.04
C LYS C 151 -3.68 -33.77 1.64
N ILE C 152 -4.57 -33.27 0.77
CA ILE C 152 -5.82 -32.66 1.20
C ILE C 152 -6.84 -33.77 1.50
N GLU C 153 -6.87 -34.81 0.66
CA GLU C 153 -7.82 -35.91 0.82
C GLU C 153 -7.55 -36.66 2.14
N ARG C 154 -6.31 -36.58 2.63
CA ARG C 154 -5.91 -37.23 3.88
C ARG C 154 -6.63 -36.56 5.06
N TYR C 155 -7.07 -35.31 4.87
CA TYR C 155 -7.74 -34.55 5.93
C TYR C 155 -9.09 -35.19 6.28
N ARG C 156 -9.71 -35.86 5.30
CA ARG C 156 -11.05 -36.47 5.46
C ARG C 156 -11.03 -37.43 6.65
N LYS C 157 -9.84 -37.92 7.00
CA LYS C 157 -9.58 -38.73 8.18
C LYS C 157 -10.18 -38.07 9.42
N GLU C 158 -9.92 -36.76 9.59
CA GLU C 158 -10.30 -36.00 10.79
C GLU C 158 -11.83 -35.88 10.87
N LEU C 159 -12.52 -36.04 9.73
CA LEU C 159 -13.93 -35.70 9.60
C LEU C 159 -14.83 -36.93 9.83
N GLN C 160 -14.20 -38.09 10.04
CA GLN C 160 -14.94 -39.32 10.31
C GLN C 160 -15.49 -39.26 11.73
N ASN C 161 -14.72 -38.64 12.64
CA ASN C 161 -15.19 -38.30 13.98
C ASN C 161 -16.71 -38.36 14.04
#